data_5WKN
#
_entry.id   5WKN
#
_cell.length_a   79.087
_cell.length_b   81.063
_cell.length_c   152.977
_cell.angle_alpha   90.00
_cell.angle_beta   90.00
_cell.angle_gamma   90.00
#
_symmetry.space_group_name_H-M   'P 2 21 21'
#
loop_
_entity.id
_entity.type
_entity.pdbx_description
1 polymer Nucleoprotein
2 polymer Phosphoprotein
3 water water
#
loop_
_entity_poly.entity_id
_entity_poly.type
_entity_poly.pdbx_seq_one_letter_code
_entity_poly.pdbx_strand_id
1 'polypeptide(L)'
;GSHMASKPVIRVFILTSNNPELRSRLLLFCLRIVLSNGARDSHRFGALLTMFSLPSATMLNHVKLADQSPEADIERVEID
GFEEGSFRLIPNARSGMSRGEINAYAALAEDLPDTLNHATPFVDSEVEGTAWDEIETFLDMCYSVLMQAWIVTCKCMTAP
DQPAASIEKRLQKYRQQGRINPRYLLQPEARRIIQNVIRKGMVVRHFLTFELQLARAQSLVSNRYYAMVGDVGKYIENCG
MGGFFLTLKYALGTRWPTLALAAFSGELTKLKSLMALYQTLGEQARYLALLESPHLMDFAAANYPLLYSYAMGIGYVLDV
NMRNYAFSRSYMNKTYFQLGMETARKQM
;
A,B
2 'polypeptide(L)' DPTDLSFSPDEINKLIETGLNTVEYFTSQQVTGTSSLGKNTIPPGVTGL C,D
#
# COMPACT_ATOMS: atom_id res chain seq x y z
N PRO A 8 -20.32 -11.85 11.56
CA PRO A 8 -19.79 -11.66 10.21
C PRO A 8 -18.26 -11.63 10.18
N VAL A 9 -17.62 -12.77 10.47
CA VAL A 9 -16.17 -12.87 10.54
C VAL A 9 -15.65 -13.49 9.25
N ILE A 10 -14.61 -12.88 8.67
CA ILE A 10 -13.98 -13.34 7.44
C ILE A 10 -12.65 -13.98 7.83
N ARG A 11 -12.60 -15.30 7.78
CA ARG A 11 -11.44 -16.07 8.24
C ARG A 11 -10.53 -16.38 7.05
N VAL A 12 -9.27 -15.96 7.15
CA VAL A 12 -8.27 -16.22 6.13
C VAL A 12 -7.27 -17.22 6.70
N PHE A 13 -7.12 -18.36 6.02
CA PHE A 13 -6.24 -19.42 6.49
C PHE A 13 -4.80 -19.16 6.05
N ILE A 14 -3.89 -19.24 7.01
CA ILE A 14 -2.45 -19.09 6.80
C ILE A 14 -1.75 -20.34 7.30
N LEU A 15 -0.79 -20.84 6.54
CA LEU A 15 -0.08 -22.05 6.91
C LEU A 15 1.29 -21.76 7.49
N THR A 16 1.78 -22.72 8.28
CA THR A 16 3.06 -22.64 8.99
C THR A 16 4.16 -23.44 8.27
N SER A 17 4.01 -23.69 6.97
CA SER A 17 4.98 -24.52 6.26
C SER A 17 4.85 -24.31 4.75
N ASN A 18 6.01 -24.20 4.09
CA ASN A 18 6.07 -24.01 2.65
C ASN A 18 5.77 -25.29 1.87
N ASN A 19 5.87 -26.47 2.49
CA ASN A 19 5.79 -27.73 1.76
C ASN A 19 4.61 -27.74 0.78
N PRO A 20 4.85 -28.06 -0.49
CA PRO A 20 3.82 -27.81 -1.52
C PRO A 20 2.58 -28.69 -1.38
N GLU A 21 2.70 -29.87 -0.77
CA GLU A 21 1.53 -30.71 -0.61
C GLU A 21 0.49 -30.06 0.30
N LEU A 22 0.95 -29.30 1.30
CA LEU A 22 0.03 -28.61 2.19
C LEU A 22 -0.55 -27.37 1.53
N ARG A 23 0.26 -26.66 0.73
CA ARG A 23 -0.25 -25.51 -0.01
C ARG A 23 -1.34 -25.93 -0.99
N SER A 24 -1.11 -27.04 -1.71
CA SER A 24 -2.11 -27.52 -2.66
C SER A 24 -3.39 -27.92 -1.95
N ARG A 25 -3.28 -28.65 -0.85
CA ARG A 25 -4.49 -29.11 -0.16
C ARG A 25 -5.29 -27.93 0.38
N LEU A 26 -4.61 -26.87 0.81
CA LEU A 26 -5.32 -25.70 1.33
C LEU A 26 -6.07 -24.96 0.23
N LEU A 27 -5.48 -24.90 -0.96
CA LEU A 27 -6.15 -24.24 -2.08
C LEU A 27 -7.36 -25.03 -2.54
N LEU A 28 -7.20 -26.35 -2.73
CA LEU A 28 -8.32 -27.18 -3.15
C LEU A 28 -9.39 -27.26 -2.07
N PHE A 29 -9.01 -27.07 -0.81
CA PHE A 29 -10.00 -27.01 0.26
C PHE A 29 -10.75 -25.68 0.23
N CYS A 30 -10.04 -24.58 0.06
CA CYS A 30 -10.69 -23.28 -0.04
C CYS A 30 -11.53 -23.16 -1.31
N LEU A 31 -11.07 -23.76 -2.41
CA LEU A 31 -11.85 -23.73 -3.64
C LEU A 31 -13.21 -24.40 -3.47
N ARG A 32 -13.25 -25.51 -2.72
CA ARG A 32 -14.52 -26.19 -2.48
C ARG A 32 -15.46 -25.37 -1.62
N ILE A 33 -14.93 -24.67 -0.62
CA ILE A 33 -15.78 -23.83 0.23
C ILE A 33 -16.42 -22.72 -0.60
N VAL A 34 -15.65 -22.12 -1.51
CA VAL A 34 -16.20 -21.05 -2.35
C VAL A 34 -17.35 -21.58 -3.20
N LEU A 35 -17.27 -22.83 -3.61
CA LEU A 35 -18.24 -23.43 -4.51
C LEU A 35 -19.28 -24.28 -3.79
N SER A 36 -19.22 -24.38 -2.47
CA SER A 36 -20.11 -25.25 -1.74
C SER A 36 -21.52 -24.67 -1.68
N ASN A 37 -22.49 -25.56 -1.51
CA ASN A 37 -23.89 -25.11 -1.48
C ASN A 37 -24.23 -24.39 -0.19
N GLY A 38 -23.73 -24.89 0.94
CA GLY A 38 -24.16 -24.42 2.24
C GLY A 38 -23.38 -23.28 2.84
N ALA A 39 -22.21 -22.96 2.30
CA ALA A 39 -21.42 -21.88 2.85
C ALA A 39 -22.09 -20.54 2.63
N ARG A 40 -21.81 -19.61 3.54
CA ARG A 40 -22.24 -18.22 3.43
C ARG A 40 -21.06 -17.36 2.98
N ASP A 41 -21.36 -16.38 2.14
CA ASP A 41 -20.47 -15.32 1.66
C ASP A 41 -19.26 -15.07 2.55
N SER A 42 -19.50 -14.90 3.86
CA SER A 42 -18.39 -14.70 4.78
C SER A 42 -17.39 -15.85 4.68
N HIS A 43 -17.88 -17.09 4.58
CA HIS A 43 -16.96 -18.22 4.40
C HIS A 43 -16.34 -18.19 3.02
N ARG A 44 -17.10 -17.78 2.00
CA ARG A 44 -16.57 -17.78 0.64
C ARG A 44 -15.52 -16.68 0.45
N PHE A 45 -15.77 -15.51 1.04
CA PHE A 45 -14.83 -14.39 0.93
C PHE A 45 -13.49 -14.74 1.57
N GLY A 46 -13.53 -15.41 2.73
CA GLY A 46 -12.29 -15.76 3.40
C GLY A 46 -11.52 -16.86 2.71
N ALA A 47 -12.23 -17.86 2.18
CA ALA A 47 -11.56 -18.92 1.44
C ALA A 47 -11.00 -18.41 0.13
N LEU A 48 -11.69 -17.46 -0.51
CA LEU A 48 -11.20 -16.87 -1.75
C LEU A 48 -9.95 -16.02 -1.50
N LEU A 49 -9.94 -15.29 -0.38
CA LEU A 49 -8.75 -14.52 -0.02
C LEU A 49 -7.57 -15.42 0.31
N THR A 50 -7.83 -16.61 0.89
CA THR A 50 -6.76 -17.56 1.15
C THR A 50 -6.14 -18.06 -0.15
N MET A 51 -6.96 -18.36 -1.15
CA MET A 51 -6.42 -18.76 -2.45
C MET A 51 -5.57 -17.68 -3.07
N PHE A 52 -6.04 -16.42 -3.06
CA PHE A 52 -5.30 -15.36 -3.73
C PHE A 52 -3.99 -15.03 -3.01
N SER A 53 -3.91 -15.30 -1.72
CA SER A 53 -2.74 -14.92 -0.95
C SER A 53 -1.63 -15.97 -0.98
N LEU A 54 -1.93 -17.20 -1.41
CA LEU A 54 -0.93 -18.26 -1.42
C LEU A 54 0.29 -17.94 -2.27
N PRO A 55 0.17 -17.42 -3.49
CA PRO A 55 1.37 -17.00 -4.24
C PRO A 55 1.82 -15.58 -3.95
N SER A 56 1.25 -14.91 -2.97
CA SER A 56 1.45 -13.47 -2.78
C SER A 56 1.96 -13.24 -1.37
N ALA A 57 3.26 -13.01 -1.24
CA ALA A 57 3.81 -12.63 0.06
C ALA A 57 3.37 -11.22 0.45
N THR A 58 2.92 -10.42 -0.51
CA THR A 58 2.47 -9.06 -0.25
C THR A 58 1.02 -9.00 0.22
N MET A 59 0.13 -9.84 -0.34
CA MET A 59 -1.24 -9.85 0.14
C MET A 59 -1.31 -10.42 1.55
N LEU A 60 -0.49 -11.43 1.82
CA LEU A 60 -0.37 -11.95 3.19
C LEU A 60 0.09 -10.86 4.15
N ASN A 61 0.91 -9.95 3.68
CA ASN A 61 1.29 -8.79 4.48
C ASN A 61 0.21 -7.73 4.55
N HIS A 62 -0.84 -7.82 3.74
CA HIS A 62 -2.01 -6.96 3.92
C HIS A 62 -3.15 -7.66 4.63
N VAL A 63 -3.07 -8.97 4.82
CA VAL A 63 -4.11 -9.69 5.56
C VAL A 63 -3.89 -9.58 7.07
N LYS A 64 -2.64 -9.44 7.53
CA LYS A 64 -2.39 -9.23 8.95
C LYS A 64 -3.13 -7.99 9.47
N LEU A 65 -3.95 -8.21 10.50
CA LEU A 65 -5.00 -7.33 11.01
C LEU A 65 -5.62 -6.40 9.97
N ALA A 66 -4.80 -5.70 9.17
CA ALA A 66 -5.24 -4.96 7.98
C ALA A 66 -6.17 -5.81 7.12
N ASP A 67 -7.00 -5.22 6.26
CA ASP A 67 -6.95 -3.82 5.83
C ASP A 67 -8.23 -3.02 6.06
N GLN A 68 -8.42 -2.01 5.19
CA GLN A 68 -9.51 -1.04 5.28
C GLN A 68 -9.39 -0.19 6.54
N ARG A 76 -14.48 -7.55 10.85
CA ARG A 76 -13.44 -7.45 9.84
C ARG A 76 -12.70 -8.78 9.64
N VAL A 77 -11.54 -8.71 8.99
CA VAL A 77 -10.77 -9.91 8.66
C VAL A 77 -9.97 -10.34 9.88
N GLU A 78 -10.25 -11.55 10.37
CA GLU A 78 -9.43 -12.19 11.39
C GLU A 78 -8.58 -13.27 10.74
N ILE A 79 -7.25 -13.16 10.89
CA ILE A 79 -6.38 -14.16 10.30
C ILE A 79 -6.51 -15.44 11.11
N ASP A 80 -7.44 -16.30 10.69
CA ASP A 80 -7.59 -17.57 11.38
C ASP A 80 -6.30 -18.35 11.35
N GLY A 81 -5.57 -18.28 10.23
CA GLY A 81 -4.25 -18.85 10.05
C GLY A 81 -3.98 -20.11 10.83
N PHE A 82 -2.87 -20.10 11.57
CA PHE A 82 -2.58 -21.12 12.58
C PHE A 82 -2.71 -22.52 12.01
N GLU A 83 -2.31 -22.69 10.75
CA GLU A 83 -2.30 -23.99 10.11
C GLU A 83 -0.95 -24.63 10.38
N GLU A 84 -0.92 -25.55 11.37
CA GLU A 84 0.22 -26.46 11.53
C GLU A 84 0.66 -27.10 10.20
N GLY A 85 -0.28 -27.64 9.42
CA GLY A 85 -1.70 -27.70 9.72
C GLY A 85 -2.45 -28.70 8.91
N SER A 86 -1.68 -29.57 8.27
CA SER A 86 -2.21 -30.58 7.35
C SER A 86 -3.55 -31.11 7.80
N PHE A 87 -4.50 -31.12 6.87
CA PHE A 87 -5.76 -31.80 7.10
C PHE A 87 -5.51 -33.26 7.48
N ARG A 88 -6.30 -33.77 8.42
CA ARG A 88 -6.32 -35.22 8.61
C ARG A 88 -6.78 -35.91 7.34
N LEU A 89 -7.78 -35.34 6.67
CA LEU A 89 -8.36 -35.81 5.42
C LEU A 89 -8.87 -34.59 4.65
N ILE A 90 -9.92 -33.98 5.18
CA ILE A 90 -10.48 -32.72 4.69
C ILE A 90 -10.73 -31.75 5.84
N PRO A 91 -10.68 -32.13 7.12
CA PRO A 91 -10.77 -31.12 8.19
C PRO A 91 -9.41 -30.68 8.70
N ASN A 92 -9.39 -29.49 9.28
CA ASN A 92 -8.15 -28.83 9.66
C ASN A 92 -7.71 -29.22 11.06
N ALA A 93 -6.48 -28.85 11.39
CA ALA A 93 -5.92 -28.94 12.74
C ALA A 93 -5.40 -27.55 13.10
N ARG A 94 -6.05 -26.90 14.05
CA ARG A 94 -5.88 -25.47 14.31
C ARG A 94 -5.16 -25.25 15.64
N SER A 95 -4.18 -24.33 15.64
CA SER A 95 -3.74 -23.74 16.89
C SER A 95 -4.81 -22.82 17.49
N GLY A 96 -5.84 -22.48 16.71
CA GLY A 96 -6.71 -21.39 17.04
C GLY A 96 -8.09 -21.68 17.61
N MET A 97 -8.79 -22.70 17.12
CA MET A 97 -10.23 -22.70 17.36
C MET A 97 -10.77 -24.11 17.55
N SER A 98 -12.08 -24.25 17.37
CA SER A 98 -12.93 -25.22 18.07
C SER A 98 -13.18 -26.48 17.25
N ARG A 99 -13.80 -27.46 17.93
CA ARG A 99 -14.05 -28.76 17.32
C ARG A 99 -15.19 -28.68 16.30
N GLY A 100 -16.27 -27.97 16.66
CA GLY A 100 -17.44 -27.95 15.80
C GLY A 100 -17.18 -27.28 14.46
N GLU A 101 -16.30 -26.30 14.43
CA GLU A 101 -15.99 -25.62 13.17
C GLU A 101 -15.12 -26.49 12.27
N ILE A 102 -14.34 -27.40 12.86
CA ILE A 102 -13.51 -28.29 12.05
C ILE A 102 -14.39 -29.25 11.25
N ASN A 103 -15.38 -29.84 11.92
CA ASN A 103 -16.30 -30.74 11.21
C ASN A 103 -17.20 -29.98 10.27
N ALA A 104 -17.58 -28.74 10.61
CA ALA A 104 -18.43 -27.95 9.73
C ALA A 104 -17.71 -27.58 8.45
N TYR A 105 -16.48 -27.08 8.57
CA TYR A 105 -15.68 -26.77 7.37
C TYR A 105 -15.42 -28.02 6.55
N ALA A 106 -15.20 -29.16 7.21
CA ALA A 106 -14.98 -30.42 6.50
C ALA A 106 -16.21 -30.83 5.70
N ALA A 107 -17.40 -30.59 6.26
CA ALA A 107 -18.63 -30.93 5.56
C ALA A 107 -18.86 -30.00 4.38
N LEU A 108 -18.53 -28.71 4.55
CA LEU A 108 -18.69 -27.75 3.47
C LEU A 108 -17.79 -28.09 2.29
N ALA A 109 -16.61 -28.67 2.55
CA ALA A 109 -15.70 -28.97 1.45
C ALA A 109 -16.24 -30.09 0.57
N GLU A 110 -17.11 -30.95 1.10
CA GLU A 110 -17.70 -32.03 0.31
C GLU A 110 -19.15 -31.73 -0.08
N ASP A 111 -19.55 -30.46 -0.07
CA ASP A 111 -20.92 -30.07 -0.39
C ASP A 111 -20.99 -29.38 -1.75
N LEU A 112 -20.44 -30.02 -2.78
CA LEU A 112 -20.45 -29.44 -4.11
C LEU A 112 -21.82 -29.60 -4.77
N PRO A 113 -22.19 -28.68 -5.67
CA PRO A 113 -23.44 -28.84 -6.41
C PRO A 113 -23.33 -29.94 -7.46
N ASP A 114 -24.50 -30.48 -7.84
CA ASP A 114 -24.57 -31.60 -8.76
C ASP A 114 -24.16 -31.23 -10.19
N THR A 115 -24.12 -29.94 -10.51
CA THR A 115 -23.76 -29.49 -11.86
C THR A 115 -22.29 -29.72 -12.18
N LEU A 116 -21.45 -29.97 -11.17
CA LEU A 116 -20.04 -30.26 -11.38
C LEU A 116 -19.85 -31.76 -11.48
N ASN A 117 -19.36 -32.21 -12.63
CA ASN A 117 -19.22 -33.63 -12.87
C ASN A 117 -18.21 -34.27 -11.92
N HIS A 118 -18.47 -35.52 -11.55
CA HIS A 118 -17.61 -36.35 -10.71
C HIS A 118 -17.29 -35.73 -9.36
N ALA A 119 -18.12 -34.78 -8.91
CA ALA A 119 -17.97 -34.14 -7.59
C ALA A 119 -16.60 -33.47 -7.44
N THR A 120 -16.19 -32.72 -8.47
CA THR A 120 -14.92 -32.00 -8.48
C THR A 120 -15.03 -30.71 -9.28
N PRO A 121 -14.38 -29.62 -8.84
CA PRO A 121 -14.44 -28.36 -9.60
C PRO A 121 -13.79 -28.41 -10.97
N PHE A 122 -12.90 -29.37 -11.23
CA PHE A 122 -12.11 -29.40 -12.44
C PHE A 122 -12.78 -30.24 -13.51
N VAL A 123 -12.50 -29.91 -14.77
CA VAL A 123 -13.09 -30.69 -15.85
C VAL A 123 -12.44 -32.06 -15.93
N ASP A 124 -11.18 -32.17 -15.50
CA ASP A 124 -10.51 -33.46 -15.42
C ASP A 124 -10.74 -34.07 -14.04
N SER A 125 -11.39 -35.23 -14.02
CA SER A 125 -11.81 -35.83 -12.76
C SER A 125 -10.65 -36.32 -11.90
N GLU A 126 -9.46 -36.47 -12.47
CA GLU A 126 -8.32 -37.00 -11.74
C GLU A 126 -7.27 -35.94 -11.44
N VAL A 127 -7.70 -34.70 -11.25
CA VAL A 127 -6.79 -33.63 -10.88
C VAL A 127 -6.55 -33.60 -9.38
N GLU A 128 -7.62 -33.65 -8.59
CA GLU A 128 -7.46 -33.56 -7.14
C GLU A 128 -6.72 -34.76 -6.58
N GLY A 129 -6.78 -35.90 -7.28
CA GLY A 129 -6.06 -37.07 -6.85
C GLY A 129 -4.57 -37.04 -7.10
N THR A 130 -4.09 -36.02 -7.81
CA THR A 130 -2.68 -35.91 -8.12
C THR A 130 -1.86 -35.74 -6.84
N ALA A 131 -0.72 -36.43 -6.78
CA ALA A 131 0.22 -36.24 -5.68
C ALA A 131 0.91 -34.90 -5.87
N TRP A 132 0.63 -33.96 -4.97
CA TRP A 132 1.23 -32.62 -5.04
C TRP A 132 2.60 -32.63 -4.34
N ASP A 133 3.51 -33.42 -4.91
CA ASP A 133 4.80 -33.66 -4.27
C ASP A 133 5.74 -32.47 -4.44
N GLU A 134 5.73 -31.84 -5.60
CA GLU A 134 6.75 -30.86 -5.95
C GLU A 134 6.15 -29.45 -6.05
N ILE A 135 7.04 -28.46 -5.98
CA ILE A 135 6.61 -27.07 -5.93
C ILE A 135 6.07 -26.61 -7.28
N GLU A 136 6.60 -27.17 -8.39
CA GLU A 136 6.18 -26.71 -9.70
C GLU A 136 4.77 -27.19 -10.05
N THR A 137 4.40 -28.39 -9.59
CA THR A 137 3.04 -28.86 -9.87
C THR A 137 2.00 -28.09 -9.05
N PHE A 138 2.39 -27.50 -7.92
CA PHE A 138 1.45 -26.66 -7.19
C PHE A 138 1.35 -25.27 -7.82
N LEU A 139 2.50 -24.66 -8.12
CA LEU A 139 2.50 -23.32 -8.67
C LEU A 139 1.87 -23.29 -10.06
N ASP A 140 2.06 -24.35 -10.84
CA ASP A 140 1.35 -24.44 -12.12
C ASP A 140 -0.16 -24.63 -11.90
N MET A 141 -0.52 -25.37 -10.86
CA MET A 141 -1.93 -25.52 -10.51
C MET A 141 -2.49 -24.26 -9.88
N CYS A 142 -1.71 -23.60 -9.01
CA CYS A 142 -2.19 -22.41 -8.34
C CYS A 142 -2.32 -21.24 -9.33
N TYR A 143 -1.36 -21.07 -10.23
CA TYR A 143 -1.46 -19.98 -11.18
C TYR A 143 -2.58 -20.23 -12.18
N SER A 144 -2.82 -21.49 -12.55
CA SER A 144 -3.89 -21.76 -13.52
C SER A 144 -5.26 -21.49 -12.94
N VAL A 145 -5.46 -21.82 -11.66
CA VAL A 145 -6.75 -21.60 -11.01
C VAL A 145 -6.98 -20.12 -10.77
N LEU A 146 -5.97 -19.42 -10.25
CA LEU A 146 -6.13 -18.00 -9.98
C LEU A 146 -6.27 -17.19 -11.26
N MET A 147 -5.64 -17.63 -12.35
CA MET A 147 -5.77 -16.87 -13.60
C MET A 147 -7.19 -16.98 -14.13
N GLN A 148 -7.85 -18.12 -13.93
CA GLN A 148 -9.25 -18.22 -14.30
C GLN A 148 -10.13 -17.36 -13.40
N ALA A 149 -9.73 -17.17 -12.13
CA ALA A 149 -10.44 -16.24 -11.27
C ALA A 149 -10.27 -14.81 -11.76
N TRP A 150 -9.02 -14.37 -11.96
CA TRP A 150 -8.75 -13.01 -12.43
C TRP A 150 -9.55 -12.63 -13.68
N ILE A 151 -9.79 -13.61 -14.56
CA ILE A 151 -10.45 -13.31 -15.82
C ILE A 151 -11.91 -12.94 -15.62
N VAL A 152 -12.56 -13.48 -14.60
CA VAL A 152 -13.99 -13.26 -14.42
C VAL A 152 -14.28 -12.12 -13.45
N THR A 153 -13.26 -11.35 -13.03
CA THR A 153 -13.49 -10.35 -12.01
C THR A 153 -13.80 -8.95 -12.55
N CYS A 154 -13.99 -8.77 -13.85
CA CYS A 154 -14.31 -7.43 -14.32
C CYS A 154 -14.97 -7.47 -15.70
N LYS A 155 -15.39 -6.28 -16.14
CA LYS A 155 -16.12 -5.99 -17.39
C LYS A 155 -17.60 -6.36 -17.25
N ILE A 167 -14.98 -16.43 -19.50
CA ILE A 167 -15.15 -15.41 -20.53
C ILE A 167 -14.80 -15.97 -21.92
N GLU A 168 -15.56 -15.53 -22.92
CA GLU A 168 -15.69 -16.16 -24.24
C GLU A 168 -14.38 -16.74 -24.77
N LYS A 169 -13.45 -15.88 -25.19
CA LYS A 169 -12.23 -16.30 -25.87
C LYS A 169 -10.95 -15.93 -25.14
N ARG A 170 -11.04 -15.25 -23.99
CA ARG A 170 -9.84 -14.95 -23.23
C ARG A 170 -9.16 -16.22 -22.74
N LEU A 171 -9.94 -17.23 -22.37
CA LEU A 171 -9.35 -18.49 -21.94
C LEU A 171 -8.59 -19.16 -23.08
N GLN A 172 -9.11 -19.06 -24.31
CA GLN A 172 -8.40 -19.59 -25.45
C GLN A 172 -7.06 -18.87 -25.66
N LYS A 173 -7.02 -17.58 -25.37
CA LYS A 173 -5.77 -16.83 -25.47
C LYS A 173 -4.79 -17.26 -24.38
N TYR A 174 -5.25 -17.29 -23.13
CA TYR A 174 -4.40 -17.66 -22.00
C TYR A 174 -4.03 -19.14 -22.01
N ARG A 175 -4.79 -19.97 -22.73
CA ARG A 175 -4.38 -21.35 -22.93
C ARG A 175 -3.20 -21.42 -23.88
N GLN A 176 -3.29 -20.74 -25.03
CA GLN A 176 -2.23 -20.80 -26.03
C GLN A 176 -0.96 -20.13 -25.52
N GLN A 177 -1.10 -19.06 -24.75
CA GLN A 177 0.05 -18.38 -24.17
C GLN A 177 0.62 -19.10 -22.96
N GLY A 178 0.03 -20.24 -22.59
CA GLY A 178 0.52 -21.01 -21.46
C GLY A 178 0.29 -20.38 -20.10
N ARG A 179 -0.63 -19.43 -19.99
CA ARG A 179 -0.92 -18.83 -18.70
C ARG A 179 -1.91 -19.65 -17.89
N ILE A 180 -2.66 -20.54 -18.53
CA ILE A 180 -3.55 -21.50 -17.87
C ILE A 180 -3.25 -22.87 -18.44
N ASN A 181 -2.71 -23.75 -17.62
CA ASN A 181 -2.52 -25.16 -17.99
C ASN A 181 -3.88 -25.82 -18.23
N PRO A 182 -4.14 -26.37 -19.41
CA PRO A 182 -5.47 -26.95 -19.68
C PRO A 182 -5.83 -28.08 -18.73
N ARG A 183 -4.84 -28.74 -18.12
CA ARG A 183 -5.12 -29.79 -17.16
C ARG A 183 -5.87 -29.25 -15.93
N TYR A 184 -5.68 -27.97 -15.60
CA TYR A 184 -6.27 -27.40 -14.41
C TYR A 184 -7.46 -26.49 -14.70
N LEU A 185 -8.05 -26.63 -15.89
CA LEU A 185 -9.25 -25.88 -16.22
C LEU A 185 -10.40 -26.21 -15.28
N LEU A 186 -11.11 -25.18 -14.85
CA LEU A 186 -12.32 -25.36 -14.05
C LEU A 186 -13.51 -25.56 -14.97
N GLN A 187 -14.51 -26.29 -14.47
CA GLN A 187 -15.77 -26.39 -15.19
C GLN A 187 -16.46 -25.03 -15.23
N PRO A 188 -17.24 -24.76 -16.28
CA PRO A 188 -17.87 -23.43 -16.40
C PRO A 188 -18.70 -23.02 -15.20
N GLU A 189 -19.46 -23.94 -14.60
CA GLU A 189 -20.23 -23.58 -13.42
C GLU A 189 -19.32 -23.09 -12.29
N ALA A 190 -18.16 -23.73 -12.13
CA ALA A 190 -17.23 -23.33 -11.07
C ALA A 190 -16.64 -21.95 -11.34
N ARG A 191 -16.51 -21.57 -12.61
CA ARG A 191 -16.05 -20.22 -12.93
C ARG A 191 -17.12 -19.19 -12.61
N ARG A 192 -18.38 -19.50 -12.92
CA ARG A 192 -19.45 -18.52 -12.72
C ARG A 192 -19.72 -18.27 -11.25
N ILE A 193 -19.61 -19.29 -10.40
CA ILE A 193 -19.79 -19.08 -8.97
C ILE A 193 -18.69 -18.16 -8.43
N ILE A 194 -17.43 -18.43 -8.80
CA ILE A 194 -16.34 -17.56 -8.38
C ILE A 194 -16.57 -16.14 -8.88
N GLN A 195 -17.13 -16.00 -10.09
CA GLN A 195 -17.41 -14.68 -10.63
C GLN A 195 -18.38 -13.90 -9.75
N ASN A 196 -19.43 -14.56 -9.25
CA ASN A 196 -20.41 -13.85 -8.43
C ASN A 196 -19.91 -13.63 -7.00
N VAL A 197 -19.12 -14.54 -6.45
CA VAL A 197 -18.55 -14.34 -5.13
C VAL A 197 -17.63 -13.13 -5.12
N ILE A 198 -16.80 -12.99 -6.16
CA ILE A 198 -15.96 -11.80 -6.28
C ILE A 198 -16.84 -10.56 -6.45
N ARG A 199 -17.89 -10.67 -7.28
CA ARG A 199 -18.81 -9.56 -7.48
C ARG A 199 -19.47 -9.13 -6.16
N LYS A 200 -19.86 -10.09 -5.32
CA LYS A 200 -20.49 -9.72 -4.06
C LYS A 200 -19.48 -9.27 -3.02
N GLY A 201 -18.22 -9.66 -3.17
CA GLY A 201 -17.25 -9.40 -2.11
C GLY A 201 -16.51 -8.09 -2.24
N MET A 202 -16.95 -7.08 -1.52
CA MET A 202 -16.23 -5.82 -1.52
C MET A 202 -14.84 -5.98 -0.92
N VAL A 203 -14.73 -6.79 0.14
CA VAL A 203 -13.42 -6.98 0.78
C VAL A 203 -12.48 -7.75 -0.14
N VAL A 204 -13.00 -8.69 -0.92
CA VAL A 204 -12.15 -9.45 -1.84
C VAL A 204 -11.58 -8.54 -2.91
N ARG A 205 -12.42 -7.67 -3.47
CA ARG A 205 -11.96 -6.77 -4.52
C ARG A 205 -11.05 -5.67 -3.99
N HIS A 206 -11.16 -5.33 -2.71
CA HIS A 206 -10.24 -4.37 -2.12
C HIS A 206 -8.83 -4.92 -2.08
N PHE A 207 -8.67 -6.21 -1.76
CA PHE A 207 -7.34 -6.82 -1.79
C PHE A 207 -6.86 -7.11 -3.19
N LEU A 208 -7.77 -7.28 -4.16
CA LEU A 208 -7.35 -7.47 -5.54
C LEU A 208 -6.72 -6.22 -6.13
N THR A 209 -7.17 -5.02 -5.70
CA THR A 209 -6.56 -3.79 -6.19
C THR A 209 -5.08 -3.72 -5.81
N PHE A 210 -4.75 -4.12 -4.59
CA PHE A 210 -3.34 -4.11 -4.18
C PHE A 210 -2.51 -5.04 -5.06
N GLU A 211 -3.06 -6.19 -5.45
CA GLU A 211 -2.32 -7.08 -6.32
C GLU A 211 -2.11 -6.45 -7.70
N LEU A 212 -3.12 -5.74 -8.20
CA LEU A 212 -2.96 -5.05 -9.49
C LEU A 212 -1.97 -3.90 -9.35
N GLN A 213 -1.99 -3.19 -8.23
CA GLN A 213 -1.05 -2.10 -8.03
C GLN A 213 0.38 -2.60 -7.95
N LEU A 214 0.59 -3.78 -7.33
CA LEU A 214 1.91 -4.39 -7.32
C LEU A 214 2.23 -5.08 -8.63
N ALA A 215 1.22 -5.57 -9.35
CA ALA A 215 1.46 -6.14 -10.67
C ALA A 215 2.23 -5.16 -11.54
N ARG A 216 1.68 -3.97 -11.76
CA ARG A 216 2.48 -2.92 -12.37
C ARG A 216 3.56 -2.47 -11.38
N ALA A 217 4.49 -1.67 -11.88
CA ALA A 217 5.71 -1.32 -11.13
C ALA A 217 6.57 -2.55 -10.85
N GLN A 218 6.47 -3.56 -11.73
CA GLN A 218 7.41 -4.68 -11.81
C GLN A 218 7.36 -5.62 -10.60
N SER A 219 7.78 -6.87 -10.82
CA SER A 219 8.03 -7.79 -9.71
C SER A 219 8.94 -8.90 -10.24
N LEU A 220 10.21 -8.89 -9.79
CA LEU A 220 11.13 -10.02 -9.97
C LEU A 220 11.32 -10.37 -11.45
N VAL A 221 11.68 -9.37 -12.26
CA VAL A 221 11.87 -9.52 -13.71
C VAL A 221 10.67 -10.27 -14.27
N SER A 222 9.48 -9.69 -14.08
CA SER A 222 8.21 -10.32 -14.43
C SER A 222 8.09 -11.70 -13.79
N ASN A 223 7.85 -11.67 -12.46
CA ASN A 223 7.39 -12.87 -11.76
C ASN A 223 6.24 -13.47 -12.54
N ARG A 224 6.29 -14.78 -12.77
CA ARG A 224 5.32 -15.40 -13.67
C ARG A 224 3.90 -15.08 -13.25
N TYR A 225 3.63 -15.02 -11.93
CA TYR A 225 2.29 -14.69 -11.46
C TYR A 225 1.95 -13.23 -11.70
N TYR A 226 2.80 -12.32 -11.22
CA TYR A 226 2.51 -10.90 -11.32
C TYR A 226 2.64 -10.38 -12.74
N ALA A 227 3.39 -11.05 -13.60
CA ALA A 227 3.36 -10.68 -15.01
C ALA A 227 2.01 -10.99 -15.62
N MET A 228 1.41 -12.12 -15.24
CA MET A 228 0.08 -12.44 -15.71
C MET A 228 -0.96 -11.50 -15.11
N VAL A 229 -0.80 -11.14 -13.83
CA VAL A 229 -1.74 -10.22 -13.18
C VAL A 229 -1.69 -8.85 -13.84
N GLY A 230 -0.49 -8.34 -14.10
CA GLY A 230 -0.35 -7.10 -14.83
C GLY A 230 -1.01 -7.14 -16.19
N ASP A 231 -0.94 -8.29 -16.87
CA ASP A 231 -1.62 -8.44 -18.15
C ASP A 231 -3.14 -8.36 -17.97
N VAL A 232 -3.68 -9.08 -16.99
CA VAL A 232 -5.11 -8.98 -16.68
C VAL A 232 -5.44 -7.58 -16.20
N GLY A 233 -4.51 -6.92 -15.50
CA GLY A 233 -4.75 -5.57 -15.03
C GLY A 233 -5.12 -4.61 -16.13
N LYS A 234 -4.48 -4.73 -17.30
CA LYS A 234 -4.77 -3.84 -18.42
C LYS A 234 -6.26 -3.83 -18.78
N TYR A 235 -6.93 -4.95 -18.54
CA TYR A 235 -8.37 -5.03 -18.81
C TYR A 235 -9.19 -4.36 -17.73
N ILE A 236 -8.77 -4.49 -16.47
CA ILE A 236 -9.58 -4.01 -15.36
C ILE A 236 -9.45 -2.49 -15.21
N GLU A 237 -8.26 -1.95 -15.42
CA GLU A 237 -8.02 -0.54 -15.12
C GLU A 237 -8.83 0.37 -16.03
N ASN A 238 -9.48 1.36 -15.41
CA ASN A 238 -10.29 2.36 -16.10
C ASN A 238 -11.47 1.75 -16.81
N CYS A 239 -11.92 0.59 -16.34
CA CYS A 239 -13.14 -0.01 -16.84
C CYS A 239 -14.32 0.93 -16.62
N GLY A 240 -15.11 1.15 -17.67
CA GLY A 240 -16.24 2.05 -17.62
C GLY A 240 -15.92 3.52 -17.84
N MET A 241 -14.66 3.86 -18.13
CA MET A 241 -14.26 5.23 -18.41
C MET A 241 -14.09 5.51 -19.89
N GLY A 242 -14.55 4.60 -20.76
CA GLY A 242 -14.29 4.73 -22.18
C GLY A 242 -14.93 5.97 -22.78
N GLY A 243 -16.24 6.14 -22.56
CA GLY A 243 -16.92 7.34 -23.03
C GLY A 243 -16.32 8.62 -22.48
N PHE A 244 -15.81 8.57 -21.25
CA PHE A 244 -15.22 9.76 -20.64
C PHE A 244 -13.92 10.13 -21.34
N PHE A 245 -13.05 9.15 -21.59
CA PHE A 245 -11.74 9.45 -22.18
C PHE A 245 -11.85 9.74 -23.68
N LEU A 246 -12.73 9.04 -24.39
CA LEU A 246 -12.99 9.37 -25.79
C LEU A 246 -13.52 10.79 -25.95
N THR A 247 -14.40 11.23 -25.03
CA THR A 247 -14.88 12.60 -25.08
C THR A 247 -13.75 13.59 -24.80
N LEU A 248 -12.89 13.29 -23.83
CA LEU A 248 -11.77 14.18 -23.55
C LEU A 248 -10.82 14.26 -24.73
N LYS A 249 -10.74 13.18 -25.53
CA LYS A 249 -9.77 13.12 -26.62
C LYS A 249 -10.28 13.83 -27.87
N TYR A 250 -11.47 13.46 -28.34
CA TYR A 250 -11.97 13.95 -29.61
C TYR A 250 -12.73 15.26 -29.50
N ALA A 251 -13.35 15.55 -28.37
CA ALA A 251 -14.08 16.80 -28.21
C ALA A 251 -13.22 17.91 -27.62
N LEU A 252 -12.41 17.60 -26.61
CA LEU A 252 -11.60 18.61 -25.96
C LEU A 252 -10.14 18.61 -26.38
N GLY A 253 -9.66 17.52 -26.99
CA GLY A 253 -8.31 17.52 -27.52
C GLY A 253 -8.16 18.30 -28.81
N THR A 254 -9.26 18.48 -29.55
CA THR A 254 -9.20 19.21 -30.82
C THR A 254 -9.26 20.72 -30.63
N ARG A 255 -9.97 21.19 -29.61
CA ARG A 255 -10.15 22.63 -29.36
C ARG A 255 -10.70 23.35 -30.58
N TRP A 256 -11.76 22.81 -31.13
CA TRP A 256 -12.28 23.43 -32.34
C TRP A 256 -13.35 24.46 -32.01
N PRO A 257 -13.54 25.45 -32.89
CA PRO A 257 -14.45 26.58 -32.55
C PRO A 257 -15.86 26.15 -32.16
N THR A 258 -16.36 25.02 -32.69
CA THR A 258 -17.71 24.60 -32.34
C THR A 258 -17.89 24.31 -30.85
N LEU A 259 -16.80 24.16 -30.10
CA LEU A 259 -16.90 23.95 -28.65
C LEU A 259 -17.56 25.14 -27.95
N ALA A 260 -17.55 26.32 -28.56
CA ALA A 260 -18.11 27.51 -27.93
C ALA A 260 -19.60 27.66 -28.13
N LEU A 261 -20.27 26.69 -28.76
CA LEU A 261 -21.73 26.69 -28.78
C LEU A 261 -22.25 26.71 -27.35
N ALA A 262 -23.31 27.49 -27.14
CA ALA A 262 -23.86 27.64 -25.79
C ALA A 262 -24.40 26.33 -25.21
N ALA A 263 -24.86 25.41 -26.06
CA ALA A 263 -25.35 24.12 -25.59
C ALA A 263 -24.24 23.25 -25.01
N PHE A 264 -22.98 23.60 -25.18
CA PHE A 264 -21.91 22.86 -24.55
C PHE A 264 -21.47 23.48 -23.23
N SER A 265 -21.95 24.68 -22.93
CA SER A 265 -21.42 25.42 -21.78
C SER A 265 -21.63 24.66 -20.48
N GLY A 266 -22.79 24.02 -20.33
CA GLY A 266 -23.06 23.30 -19.10
C GLY A 266 -22.19 22.06 -18.97
N GLU A 267 -22.15 21.23 -20.01
CA GLU A 267 -21.34 20.02 -20.00
C GLU A 267 -19.84 20.33 -19.99
N LEU A 268 -19.44 21.53 -20.40
CA LEU A 268 -18.02 21.86 -20.31
C LEU A 268 -17.57 21.92 -18.86
N THR A 269 -18.30 22.67 -18.03
CA THR A 269 -17.94 22.76 -16.63
C THR A 269 -18.13 21.44 -15.91
N LYS A 270 -19.14 20.66 -16.30
CA LYS A 270 -19.33 19.34 -15.71
C LYS A 270 -18.13 18.44 -15.98
N LEU A 271 -17.62 18.42 -17.22
CA LEU A 271 -16.44 17.62 -17.52
C LEU A 271 -15.21 18.15 -16.79
N LYS A 272 -15.22 19.44 -16.46
CA LYS A 272 -14.09 19.99 -15.70
C LYS A 272 -14.11 19.49 -14.27
N SER A 273 -15.29 19.32 -13.66
CA SER A 273 -15.34 18.76 -12.32
C SER A 273 -15.00 17.27 -12.35
N LEU A 274 -15.47 16.55 -13.37
CA LEU A 274 -15.12 15.14 -13.51
C LEU A 274 -13.62 14.96 -13.66
N MET A 275 -12.96 15.84 -14.42
CA MET A 275 -11.50 15.76 -14.56
C MET A 275 -10.81 16.09 -13.23
N ALA A 276 -11.30 17.10 -12.53
CA ALA A 276 -10.77 17.38 -11.19
C ALA A 276 -10.98 16.20 -10.27
N LEU A 277 -12.13 15.52 -10.40
CA LEU A 277 -12.43 14.39 -9.55
C LEU A 277 -11.46 13.23 -9.80
N TYR A 278 -11.12 12.98 -11.07
CA TYR A 278 -10.18 11.91 -11.37
C TYR A 278 -8.80 12.20 -10.78
N GLN A 279 -8.37 13.45 -10.84
CA GLN A 279 -7.07 13.81 -10.27
C GLN A 279 -7.09 13.71 -8.74
N THR A 280 -8.21 14.05 -8.12
CA THR A 280 -8.29 14.01 -6.67
C THR A 280 -8.24 12.58 -6.15
N LEU A 281 -8.86 11.65 -6.89
CA LEU A 281 -8.89 10.26 -6.45
C LEU A 281 -7.51 9.60 -6.52
N GLY A 282 -6.63 10.12 -7.36
CA GLY A 282 -5.27 9.59 -7.45
C GLY A 282 -5.19 8.12 -7.85
N GLU A 283 -4.69 7.29 -6.95
CA GLU A 283 -4.45 5.89 -7.28
C GLU A 283 -5.76 5.13 -7.47
N GLN A 284 -6.79 5.47 -6.70
CA GLN A 284 -8.07 4.78 -6.82
C GLN A 284 -8.84 5.14 -8.09
N ALA A 285 -8.36 6.11 -8.87
CA ALA A 285 -9.10 6.56 -10.06
C ALA A 285 -9.22 5.47 -11.10
N ARG A 286 -8.16 4.69 -11.32
CA ARG A 286 -8.19 3.63 -12.32
C ARG A 286 -8.93 2.39 -11.87
N TYR A 287 -9.37 2.31 -10.61
CA TYR A 287 -10.01 1.11 -10.07
C TYR A 287 -11.43 1.36 -9.57
N LEU A 288 -12.12 2.34 -10.14
CA LEU A 288 -13.44 2.71 -9.66
C LEU A 288 -14.45 1.59 -9.86
N ALA A 289 -14.41 0.94 -11.03
CA ALA A 289 -15.34 -0.14 -11.31
C ALA A 289 -15.12 -1.33 -10.38
N LEU A 290 -13.86 -1.65 -10.10
CA LEU A 290 -13.57 -2.79 -9.24
C LEU A 290 -13.82 -2.47 -7.78
N LEU A 291 -13.57 -1.23 -7.36
CA LEU A 291 -13.74 -0.84 -5.98
C LEU A 291 -15.17 -0.48 -5.62
N GLU A 292 -16.11 -0.65 -6.55
CA GLU A 292 -17.51 -0.29 -6.32
C GLU A 292 -17.64 1.18 -5.91
N SER A 293 -16.91 2.04 -6.59
CA SER A 293 -17.00 3.44 -6.20
C SER A 293 -18.31 4.05 -6.69
N PRO A 294 -19.02 4.80 -5.84
CA PRO A 294 -20.22 5.51 -6.32
C PRO A 294 -19.92 6.58 -7.34
N HIS A 295 -18.67 7.01 -7.45
CA HIS A 295 -18.26 8.02 -8.41
C HIS A 295 -18.18 7.49 -9.84
N LEU A 296 -18.26 6.17 -10.03
CA LEU A 296 -17.95 5.63 -11.35
C LEU A 296 -18.94 6.13 -12.40
N MET A 297 -20.24 6.06 -12.10
CA MET A 297 -21.26 6.48 -13.05
C MET A 297 -21.42 7.98 -13.14
N ASP A 298 -20.74 8.75 -12.27
CA ASP A 298 -20.58 10.17 -12.54
C ASP A 298 -19.84 10.40 -13.85
N PHE A 299 -18.99 9.46 -14.26
CA PHE A 299 -18.20 9.57 -15.48
C PHE A 299 -18.93 9.04 -16.70
N ALA A 300 -20.11 8.44 -16.53
CA ALA A 300 -20.85 7.89 -17.67
C ALA A 300 -21.21 8.99 -18.66
N ALA A 301 -21.33 8.60 -19.93
CA ALA A 301 -21.59 9.57 -21.00
C ALA A 301 -22.98 10.17 -20.92
N ALA A 302 -23.89 9.60 -20.13
CA ALA A 302 -25.24 10.12 -20.04
C ALA A 302 -25.28 11.50 -19.38
N ASN A 303 -24.23 11.86 -18.64
CA ASN A 303 -24.14 13.14 -17.97
C ASN A 303 -23.65 14.27 -18.86
N TYR A 304 -23.19 13.95 -20.07
CA TYR A 304 -22.74 14.96 -21.04
C TYR A 304 -23.07 14.48 -22.46
N PRO A 305 -24.34 14.18 -22.73
CA PRO A 305 -24.67 13.51 -24.00
C PRO A 305 -24.41 14.35 -25.23
N LEU A 306 -24.38 15.68 -25.11
CA LEU A 306 -24.11 16.50 -26.28
C LEU A 306 -22.64 16.42 -26.68
N LEU A 307 -21.74 16.74 -25.75
CA LEU A 307 -20.32 16.66 -26.04
C LEU A 307 -19.88 15.24 -26.38
N TYR A 308 -20.58 14.24 -25.84
CA TYR A 308 -20.29 12.86 -26.17
C TYR A 308 -20.65 12.56 -27.62
N SER A 309 -21.82 13.01 -28.07
CA SER A 309 -22.19 12.84 -29.47
C SER A 309 -21.30 13.65 -30.40
N TYR A 310 -20.90 14.84 -29.96
CA TYR A 310 -19.93 15.62 -30.70
C TYR A 310 -18.59 14.90 -30.79
N ALA A 311 -18.18 14.22 -29.72
CA ALA A 311 -16.90 13.53 -29.74
C ALA A 311 -16.96 12.28 -30.61
N MET A 312 -18.12 11.59 -30.62
CA MET A 312 -18.27 10.39 -31.44
C MET A 312 -18.28 10.74 -32.92
N GLY A 313 -18.92 11.86 -33.29
CA GLY A 313 -18.88 12.30 -34.67
C GLY A 313 -17.47 12.63 -35.11
N ILE A 314 -16.71 13.33 -34.27
CA ILE A 314 -15.33 13.66 -34.58
C ILE A 314 -14.49 12.38 -34.69
N GLY A 315 -14.73 11.43 -33.80
CA GLY A 315 -13.97 10.19 -33.84
C GLY A 315 -14.33 9.31 -35.01
N TYR A 316 -15.58 9.36 -35.45
CA TYR A 316 -16.00 8.61 -36.62
C TYR A 316 -15.19 9.00 -37.85
N VAL A 317 -14.84 10.28 -37.97
CA VAL A 317 -14.11 10.76 -39.13
C VAL A 317 -12.61 10.62 -38.94
N LEU A 318 -12.09 10.94 -37.76
CA LEU A 318 -10.65 10.97 -37.58
C LEU A 318 -10.05 9.57 -37.42
N ASP A 319 -10.68 8.70 -36.64
CA ASP A 319 -10.08 7.42 -36.26
C ASP A 319 -10.69 6.26 -37.02
N VAL A 320 -9.85 5.39 -37.57
CA VAL A 320 -10.42 4.26 -38.29
C VAL A 320 -11.01 3.20 -37.37
N ASN A 321 -10.54 3.13 -36.12
CA ASN A 321 -11.03 2.11 -35.21
C ASN A 321 -12.40 2.44 -34.63
N MET A 322 -12.86 3.69 -34.80
CA MET A 322 -14.17 4.08 -34.28
C MET A 322 -15.32 3.41 -35.01
N ARG A 323 -15.06 2.74 -36.12
CA ARG A 323 -16.14 2.06 -36.82
C ARG A 323 -15.74 0.64 -37.19
N ASN A 324 -16.61 -0.31 -36.89
CA ASN A 324 -17.94 0.07 -36.34
C ASN A 324 -18.00 0.04 -34.82
N TYR A 325 -18.25 1.22 -34.22
CA TYR A 325 -18.62 1.31 -32.82
C TYR A 325 -20.11 1.00 -32.68
N ALA A 326 -20.60 1.04 -31.44
CA ALA A 326 -22.01 0.78 -31.19
C ALA A 326 -22.88 1.91 -31.74
N PHE A 327 -22.73 3.12 -31.19
CA PHE A 327 -23.54 4.28 -31.56
C PHE A 327 -25.03 4.00 -31.34
N SER A 328 -25.34 3.06 -30.46
CA SER A 328 -26.72 2.63 -30.22
C SER A 328 -27.26 3.13 -28.88
N ARG A 329 -26.60 4.11 -28.28
CA ARG A 329 -27.03 4.62 -26.99
C ARG A 329 -28.25 5.52 -27.14
N SER A 330 -29.15 5.44 -26.17
CA SER A 330 -30.43 6.14 -26.29
C SER A 330 -30.26 7.65 -26.17
N TYR A 331 -29.25 8.12 -25.47
CA TYR A 331 -29.04 9.54 -25.27
C TYR A 331 -28.12 10.15 -26.33
N MET A 332 -27.73 9.38 -27.34
CA MET A 332 -26.89 9.88 -28.42
C MET A 332 -27.70 10.83 -29.31
N ASN A 333 -27.26 12.09 -29.38
CA ASN A 333 -27.96 13.09 -30.18
C ASN A 333 -27.58 12.94 -31.64
N LYS A 334 -28.60 12.85 -32.50
CA LYS A 334 -28.34 12.57 -33.91
C LYS A 334 -27.76 13.77 -34.64
N THR A 335 -28.14 14.99 -34.26
CA THR A 335 -27.65 16.16 -34.99
C THR A 335 -26.28 16.59 -34.48
N TYR A 336 -26.03 16.51 -33.17
CA TYR A 336 -24.70 16.86 -32.65
C TYR A 336 -23.64 15.86 -33.07
N PHE A 337 -24.04 14.63 -33.41
CA PHE A 337 -23.10 13.71 -34.04
C PHE A 337 -22.71 14.21 -35.42
N GLN A 338 -23.67 14.77 -36.17
CA GLN A 338 -23.35 15.27 -37.50
C GLN A 338 -22.54 16.55 -37.45
N LEU A 339 -22.75 17.40 -36.44
CA LEU A 339 -21.88 18.56 -36.26
C LEU A 339 -20.44 18.14 -36.02
N GLY A 340 -20.23 17.10 -35.20
CA GLY A 340 -18.88 16.63 -34.94
C GLY A 340 -18.20 16.11 -36.19
N MET A 341 -18.92 15.32 -36.98
CA MET A 341 -18.40 14.86 -38.27
C MET A 341 -18.01 16.04 -39.16
N GLU A 342 -18.93 17.00 -39.32
CA GLU A 342 -18.65 18.12 -40.20
C GLU A 342 -17.49 18.96 -39.68
N THR A 343 -17.41 19.17 -38.36
CA THR A 343 -16.31 19.95 -37.80
C THR A 343 -14.97 19.26 -38.03
N ALA A 344 -14.94 17.92 -37.93
CA ALA A 344 -13.69 17.18 -38.04
C ALA A 344 -13.29 16.96 -39.49
N ARG A 345 -14.27 16.65 -40.35
CA ARG A 345 -13.98 16.39 -41.75
C ARG A 345 -13.33 17.60 -42.42
N LYS A 346 -13.73 18.81 -42.03
CA LYS A 346 -13.18 20.01 -42.67
C LYS A 346 -11.84 20.35 -42.02
N GLN A 347 -10.84 19.53 -42.36
CA GLN A 347 -9.44 19.87 -42.19
C GLN A 347 -8.82 20.35 -43.51
N MET A 348 -9.64 20.92 -44.39
CA MET A 348 -9.19 21.41 -45.68
C MET A 348 -9.00 22.93 -45.65
N SER B 6 -7.52 0.28 -24.02
CA SER B 6 -7.57 1.14 -25.21
C SER B 6 -6.85 2.47 -24.97
N PHE B 7 -6.59 2.78 -23.71
CA PHE B 7 -5.92 4.02 -23.32
C PHE B 7 -4.72 3.71 -22.45
N SER B 8 -3.67 4.51 -22.62
CA SER B 8 -2.43 4.36 -21.87
C SER B 8 -2.62 4.83 -20.42
N PRO B 9 -1.86 4.25 -19.48
CA PRO B 9 -1.96 4.69 -18.08
C PRO B 9 -1.31 6.04 -17.81
N ASP B 10 -1.48 6.97 -18.75
CA ASP B 10 -1.04 8.35 -18.59
C ASP B 10 -2.06 9.26 -19.26
N GLU B 11 -2.43 10.33 -18.58
CA GLU B 11 -3.50 11.22 -19.05
C GLU B 11 -2.97 12.65 -19.17
N ILE B 12 -2.22 12.90 -20.27
CA ILE B 12 -2.07 14.27 -20.74
C ILE B 12 -3.33 14.74 -21.43
N ASN B 13 -4.28 13.83 -21.66
CA ASN B 13 -5.56 14.16 -22.26
C ASN B 13 -6.37 15.13 -21.40
N LYS B 14 -6.05 15.23 -20.11
CA LYS B 14 -6.79 16.11 -19.20
C LYS B 14 -6.48 17.56 -19.58
N LEU B 15 -7.11 18.00 -20.68
CA LEU B 15 -6.98 19.38 -21.14
C LEU B 15 -8.11 20.21 -20.53
N ILE B 16 -7.92 20.52 -19.25
CA ILE B 16 -8.77 21.52 -18.60
C ILE B 16 -8.52 22.88 -19.22
N GLU B 17 -7.34 23.10 -19.82
CA GLU B 17 -7.07 24.35 -20.50
C GLU B 17 -8.06 24.59 -21.63
N THR B 18 -8.46 23.51 -22.33
CA THR B 18 -9.51 23.63 -23.33
C THR B 18 -10.82 24.04 -22.69
N GLY B 19 -11.11 23.53 -21.50
CA GLY B 19 -12.36 23.83 -20.83
C GLY B 19 -12.44 25.29 -20.42
N LEU B 20 -11.44 25.78 -19.69
CA LEU B 20 -11.49 27.14 -19.17
C LEU B 20 -11.29 28.18 -20.26
N ASN B 21 -10.69 27.81 -21.39
CA ASN B 21 -10.59 28.75 -22.50
C ASN B 21 -11.95 29.01 -23.13
N THR B 22 -12.76 27.96 -23.29
CA THR B 22 -14.02 28.08 -24.01
C THR B 22 -15.16 28.63 -23.16
N VAL B 23 -15.01 28.69 -21.84
CA VAL B 23 -16.05 29.24 -20.97
C VAL B 23 -15.68 30.66 -20.56
N GLU B 24 -15.24 31.46 -21.53
CA GLU B 24 -14.88 32.86 -21.27
C GLU B 24 -16.12 33.70 -21.00
N PRO C 8 10.97 21.37 -7.22
CA PRO C 8 11.44 20.84 -8.51
C PRO C 8 11.42 19.32 -8.59
N VAL C 9 12.39 18.76 -9.29
CA VAL C 9 12.48 17.32 -9.50
C VAL C 9 13.17 16.67 -8.29
N ILE C 10 12.63 15.54 -7.84
CA ILE C 10 13.23 14.74 -6.78
C ILE C 10 13.89 13.54 -7.43
N ARG C 11 15.22 13.53 -7.45
CA ARG C 11 15.98 12.54 -8.20
C ARG C 11 16.32 11.35 -7.31
N VAL C 12 15.81 10.18 -7.68
CA VAL C 12 16.14 8.93 -7.01
C VAL C 12 16.91 8.04 -7.98
N PHE C 13 18.23 7.96 -7.80
CA PHE C 13 19.09 7.05 -8.57
C PHE C 13 18.95 5.59 -8.10
N ILE C 14 18.89 4.67 -9.06
CA ILE C 14 18.97 3.24 -8.78
C ILE C 14 19.87 2.55 -9.80
N LEU C 15 20.33 1.34 -9.45
CA LEU C 15 21.40 0.62 -10.16
C LEU C 15 20.89 -0.49 -11.06
N THR C 16 21.75 -0.90 -11.98
CA THR C 16 21.56 -2.07 -12.82
C THR C 16 22.40 -3.26 -12.38
N SER C 17 22.96 -3.21 -11.18
CA SER C 17 23.93 -4.21 -10.77
C SER C 17 23.83 -4.44 -9.28
N ASN C 18 23.92 -5.71 -8.91
CA ASN C 18 24.01 -6.08 -7.51
C ASN C 18 25.42 -5.95 -6.96
N ASN C 19 26.29 -5.24 -7.68
CA ASN C 19 27.67 -5.09 -7.28
C ASN C 19 27.76 -4.37 -5.94
N PRO C 20 28.30 -5.01 -4.90
CA PRO C 20 28.37 -4.34 -3.59
C PRO C 20 29.18 -3.05 -3.60
N GLU C 21 30.31 -3.02 -4.33
CA GLU C 21 31.12 -1.80 -4.39
C GLU C 21 30.35 -0.66 -5.04
N LEU C 22 29.52 -0.97 -6.04
CA LEU C 22 28.69 0.07 -6.63
C LEU C 22 27.58 0.50 -5.68
N ARG C 23 26.97 -0.46 -4.97
CA ARG C 23 25.98 -0.11 -3.96
C ARG C 23 26.59 0.72 -2.84
N SER C 24 27.87 0.49 -2.52
CA SER C 24 28.54 1.30 -1.51
C SER C 24 28.84 2.70 -2.03
N ARG C 25 29.28 2.81 -3.29
CA ARG C 25 29.65 4.11 -3.82
C ARG C 25 28.41 4.99 -4.00
N LEU C 26 27.30 4.39 -4.42
CA LEU C 26 26.06 5.16 -4.54
C LEU C 26 25.58 5.62 -3.17
N LEU C 27 25.67 4.75 -2.17
CA LEU C 27 25.33 5.12 -0.79
C LEU C 27 26.11 6.34 -0.34
N LEU C 28 27.44 6.27 -0.45
CA LEU C 28 28.27 7.36 0.05
C LEU C 28 28.16 8.59 -0.82
N PHE C 29 27.93 8.42 -2.12
CA PHE C 29 27.65 9.55 -2.98
C PHE C 29 26.40 10.28 -2.50
N CYS C 30 25.32 9.53 -2.29
CA CYS C 30 24.06 10.13 -1.84
C CYS C 30 24.20 10.74 -0.46
N LEU C 31 24.92 10.08 0.44
CA LEU C 31 25.14 10.63 1.76
C LEU C 31 25.80 12.00 1.69
N ARG C 32 26.76 12.17 0.77
CA ARG C 32 27.45 13.46 0.66
C ARG C 32 26.55 14.54 0.07
N ILE C 33 25.58 14.16 -0.78
CA ILE C 33 24.65 15.14 -1.34
C ILE C 33 23.69 15.64 -0.27
N VAL C 34 23.27 14.75 0.63
CA VAL C 34 22.40 15.17 1.74
C VAL C 34 23.13 16.13 2.66
N LEU C 35 24.44 15.95 2.83
CA LEU C 35 25.21 16.74 3.77
C LEU C 35 25.91 17.94 3.14
N SER C 36 25.79 18.12 1.83
CA SER C 36 26.55 19.16 1.16
C SER C 36 25.97 20.55 1.46
N ASN C 37 26.83 21.55 1.37
CA ASN C 37 26.38 22.92 1.62
C ASN C 37 25.48 23.42 0.50
N GLY C 38 25.82 23.09 -0.75
CA GLY C 38 25.16 23.72 -1.87
C GLY C 38 23.93 23.04 -2.41
N ALA C 39 23.60 21.85 -1.93
CA ALA C 39 22.47 21.12 -2.49
C ALA C 39 21.16 21.80 -2.10
N ARG C 40 20.16 21.62 -2.95
CA ARG C 40 18.82 22.09 -2.66
C ARG C 40 18.03 20.99 -1.94
N ASP C 41 16.89 21.38 -1.36
CA ASP C 41 16.08 20.42 -0.63
C ASP C 41 15.65 19.26 -1.52
N SER C 42 15.33 19.54 -2.78
CA SER C 42 14.94 18.47 -3.70
C SER C 42 16.09 17.50 -3.94
N HIS C 43 17.33 17.98 -3.94
CA HIS C 43 18.45 17.06 -4.11
C HIS C 43 18.63 16.18 -2.88
N ARG C 44 18.49 16.75 -1.68
CA ARG C 44 18.65 15.96 -0.47
C ARG C 44 17.52 14.95 -0.31
N PHE C 45 16.28 15.34 -0.63
CA PHE C 45 15.17 14.39 -0.51
C PHE C 45 15.39 13.17 -1.40
N GLY C 46 15.80 13.38 -2.65
CA GLY C 46 16.02 12.27 -3.55
C GLY C 46 17.25 11.46 -3.20
N ALA C 47 18.30 12.13 -2.73
CA ALA C 47 19.51 11.42 -2.34
C ALA C 47 19.28 10.58 -1.08
N LEU C 48 18.39 11.05 -0.20
CA LEU C 48 18.06 10.32 1.01
C LEU C 48 17.16 9.13 0.70
N LEU C 49 16.17 9.31 -0.18
CA LEU C 49 15.33 8.19 -0.56
C LEU C 49 16.11 7.11 -1.27
N THR C 50 17.13 7.49 -2.04
CA THR C 50 18.00 6.51 -2.67
C THR C 50 18.69 5.64 -1.62
N MET C 51 19.21 6.26 -0.55
CA MET C 51 19.85 5.51 0.53
C MET C 51 18.89 4.51 1.16
N PHE C 52 17.72 4.98 1.59
CA PHE C 52 16.75 4.10 2.23
C PHE C 52 16.26 3.00 1.29
N SER C 53 16.29 3.22 -0.03
CA SER C 53 15.79 2.21 -0.97
C SER C 53 16.78 1.09 -1.26
N LEU C 54 18.07 1.29 -0.99
CA LEU C 54 19.05 0.26 -1.35
C LEU C 54 18.80 -1.09 -0.69
N PRO C 55 18.45 -1.19 0.59
CA PRO C 55 18.14 -2.50 1.17
C PRO C 55 16.67 -2.89 1.10
N SER C 56 15.85 -2.13 0.38
CA SER C 56 14.40 -2.33 0.33
C SER C 56 13.98 -2.56 -1.11
N ALA C 57 13.46 -3.76 -1.39
CA ALA C 57 12.79 -3.99 -2.67
C ALA C 57 11.42 -3.33 -2.71
N THR C 58 10.81 -3.11 -1.56
CA THR C 58 9.45 -2.55 -1.51
C THR C 58 9.45 -1.07 -1.85
N MET C 59 10.29 -0.28 -1.17
CA MET C 59 10.37 1.15 -1.49
C MET C 59 10.77 1.37 -2.94
N LEU C 60 11.58 0.46 -3.49
CA LEU C 60 11.96 0.55 -4.90
C LEU C 60 10.74 0.44 -5.81
N ASN C 61 9.78 -0.41 -5.46
CA ASN C 61 8.55 -0.50 -6.23
C ASN C 61 7.59 0.64 -5.91
N HIS C 62 7.76 1.30 -4.76
CA HIS C 62 6.89 2.41 -4.42
C HIS C 62 7.25 3.68 -5.20
N VAL C 63 8.56 3.91 -5.42
CA VAL C 63 8.97 5.08 -6.18
C VAL C 63 8.60 4.89 -7.64
N LYS C 64 7.45 5.43 -8.04
CA LYS C 64 6.95 5.28 -9.40
C LYS C 64 6.68 6.66 -9.99
N LEU C 65 7.20 6.88 -11.21
CA LEU C 65 6.96 8.11 -11.93
C LEU C 65 5.61 8.15 -12.63
N ALA C 66 4.90 7.01 -12.71
CA ALA C 66 3.81 6.88 -13.66
C ALA C 66 2.71 7.91 -13.39
N ASP C 67 2.23 8.00 -12.15
CA ASP C 67 1.02 8.76 -11.85
C ASP C 67 1.39 10.13 -11.30
N GLN C 68 1.53 11.11 -12.20
CA GLN C 68 1.77 12.50 -11.83
C GLN C 68 2.96 12.61 -10.88
N SER C 69 4.11 12.25 -11.40
CA SER C 69 5.30 12.16 -10.55
C SER C 69 5.85 13.54 -10.25
N PRO C 70 6.11 13.86 -8.97
CA PRO C 70 7.23 14.75 -8.64
C PRO C 70 8.53 13.98 -8.51
N GLU C 71 8.45 12.65 -8.52
CA GLU C 71 9.60 11.76 -8.44
C GLU C 71 10.14 11.47 -9.83
N ALA C 72 11.44 11.30 -9.92
CA ALA C 72 12.08 10.88 -11.16
C ALA C 72 13.10 9.80 -10.83
N ASP C 73 12.90 8.60 -11.37
CA ASP C 73 13.89 7.54 -11.20
C ASP C 73 15.24 7.91 -11.79
N ILE C 74 15.29 8.95 -12.64
CA ILE C 74 16.49 9.31 -13.39
C ILE C 74 16.81 8.15 -14.32
N GLU C 75 16.09 7.06 -14.12
CA GLU C 75 16.38 5.73 -14.65
C GLU C 75 17.80 5.34 -14.26
N ARG C 76 18.36 4.40 -14.98
CA ARG C 76 19.41 3.58 -14.42
C ARG C 76 20.73 4.32 -14.40
N VAL C 77 21.58 3.95 -13.44
CA VAL C 77 22.95 4.42 -13.34
C VAL C 77 23.85 3.20 -13.37
N GLU C 78 24.72 3.14 -14.39
CA GLU C 78 25.60 1.98 -14.54
C GLU C 78 26.62 1.91 -13.41
N ILE C 79 27.53 2.88 -13.38
CA ILE C 79 28.67 2.91 -12.46
C ILE C 79 28.95 4.39 -12.17
N ASP C 80 29.87 4.64 -11.25
CA ASP C 80 30.40 5.98 -11.06
C ASP C 80 31.75 6.11 -11.77
N GLY C 81 32.22 7.35 -11.87
CA GLY C 81 33.59 7.56 -12.33
C GLY C 81 34.56 6.81 -11.44
N PHE C 82 35.56 6.18 -12.07
CA PHE C 82 36.32 5.14 -11.38
C PHE C 82 37.21 5.71 -10.29
N GLU C 83 37.88 6.83 -10.54
CA GLU C 83 38.78 7.42 -9.55
C GLU C 83 37.97 8.13 -8.47
N GLU C 84 38.16 7.73 -7.21
CA GLU C 84 37.46 8.40 -6.12
C GLU C 84 37.85 9.88 -6.07
N GLY C 85 36.87 10.72 -5.81
CA GLY C 85 36.92 12.11 -6.17
C GLY C 85 36.23 12.42 -7.49
N SER C 86 35.95 11.40 -8.29
CA SER C 86 35.08 11.52 -9.46
C SER C 86 33.75 10.90 -9.08
N PHE C 87 32.88 11.70 -8.51
CA PHE C 87 31.50 11.30 -8.27
C PHE C 87 30.62 11.52 -9.49
N ARG C 88 31.14 11.15 -10.66
CA ARG C 88 30.44 11.35 -11.92
C ARG C 88 29.58 10.13 -12.24
N LEU C 89 28.28 10.36 -12.37
CA LEU C 89 27.36 9.26 -12.67
C LEU C 89 27.48 8.84 -14.13
N ILE C 90 27.23 7.56 -14.37
CA ILE C 90 27.18 7.05 -15.73
C ILE C 90 25.79 6.46 -15.97
N PRO C 91 24.84 7.24 -16.47
CA PRO C 91 23.53 6.70 -16.82
C PRO C 91 23.52 6.10 -18.22
N ASN C 92 22.46 5.35 -18.51
CA ASN C 92 22.35 4.63 -19.76
C ASN C 92 21.61 5.46 -20.80
N ALA C 93 21.21 4.82 -21.89
CA ALA C 93 20.30 5.44 -22.83
C ALA C 93 18.92 5.57 -22.17
N ARG C 94 18.11 6.49 -22.72
CA ARG C 94 16.79 6.80 -22.18
C ARG C 94 16.86 7.28 -20.74
N SER C 95 18.01 7.84 -20.33
CA SER C 95 18.18 8.38 -18.99
C SER C 95 17.85 9.87 -18.92
N GLY C 96 18.24 10.64 -19.94
CA GLY C 96 17.88 12.04 -19.99
C GLY C 96 18.63 12.94 -19.03
N MET C 97 19.88 12.62 -18.74
CA MET C 97 20.73 13.44 -17.87
C MET C 97 21.88 14.03 -18.69
N SER C 98 21.98 15.35 -18.67
CA SER C 98 22.94 16.11 -19.44
C SER C 98 24.25 16.29 -18.67
N ARG C 99 25.37 16.27 -19.41
CA ARG C 99 26.70 16.37 -18.79
C ARG C 99 26.74 17.42 -17.68
N GLY C 100 26.19 18.61 -17.94
CA GLY C 100 26.17 19.67 -16.92
C GLY C 100 25.69 19.22 -15.56
N GLU C 101 24.76 18.28 -15.53
CA GLU C 101 24.24 17.75 -14.28
C GLU C 101 25.15 16.71 -13.63
N ILE C 102 25.93 15.97 -14.42
CA ILE C 102 26.88 15.03 -13.82
C ILE C 102 28.03 15.78 -13.15
N ASN C 103 28.50 16.88 -13.75
CA ASN C 103 29.52 17.68 -13.09
C ASN C 103 28.98 18.38 -11.85
N ALA C 104 27.73 18.87 -11.93
CA ALA C 104 27.13 19.52 -10.79
C ALA C 104 26.97 18.55 -9.63
N TYR C 105 26.51 17.33 -9.91
CA TYR C 105 26.38 16.32 -8.86
C TYR C 105 27.74 15.91 -8.31
N ALA C 106 28.74 15.78 -9.19
CA ALA C 106 30.08 15.47 -8.73
C ALA C 106 30.65 16.59 -7.86
N ALA C 107 30.26 17.83 -8.13
CA ALA C 107 30.76 18.94 -7.33
C ALA C 107 30.05 19.00 -5.97
N LEU C 108 28.77 18.65 -5.93
CA LEU C 108 28.04 18.63 -4.67
C LEU C 108 28.59 17.57 -3.71
N ALA C 109 29.06 16.43 -4.24
CA ALA C 109 29.54 15.37 -3.36
C ALA C 109 30.87 15.71 -2.71
N GLU C 110 31.58 16.73 -3.20
CA GLU C 110 32.85 17.16 -2.62
C GLU C 110 32.69 18.41 -1.77
N ASP C 111 31.48 18.95 -1.66
CA ASP C 111 31.24 20.22 -0.99
C ASP C 111 30.68 19.99 0.41
N LEU C 112 31.52 19.32 1.26
CA LEU C 112 31.10 19.08 2.63
C LEU C 112 31.44 20.27 3.52
N PRO C 113 30.65 20.52 4.57
CA PRO C 113 30.98 21.60 5.50
C PRO C 113 32.29 21.33 6.22
N ASP C 114 32.89 22.41 6.73
CA ASP C 114 34.16 22.29 7.44
C ASP C 114 34.02 21.64 8.82
N THR C 115 32.80 21.51 9.36
CA THR C 115 32.64 20.88 10.67
C THR C 115 32.87 19.38 10.63
N LEU C 116 33.00 18.80 9.45
CA LEU C 116 33.24 17.37 9.29
C LEU C 116 34.75 17.14 9.20
N ASN C 117 35.32 16.57 10.26
CA ASN C 117 36.75 16.33 10.29
C ASN C 117 37.19 15.42 9.15
N HIS C 118 38.34 15.75 8.57
CA HIS C 118 38.97 14.99 7.48
C HIS C 118 38.11 14.91 6.22
N ALA C 119 37.14 15.83 6.08
CA ALA C 119 36.29 15.92 4.90
C ALA C 119 35.56 14.59 4.63
N THR C 120 35.02 14.00 5.70
CA THR C 120 34.31 12.75 5.58
C THR C 120 33.16 12.76 6.57
N PRO C 121 32.01 12.18 6.22
CA PRO C 121 30.88 12.13 7.16
C PRO C 121 31.13 11.24 8.38
N PHE C 122 32.16 10.38 8.36
CA PHE C 122 32.37 9.39 9.39
C PHE C 122 33.39 9.83 10.42
N VAL C 123 33.21 9.35 11.66
CA VAL C 123 34.19 9.60 12.71
C VAL C 123 35.54 9.02 12.33
N ASP C 124 35.55 7.80 11.80
CA ASP C 124 36.78 7.17 11.32
C ASP C 124 37.09 7.71 9.94
N SER C 125 38.26 8.35 9.80
CA SER C 125 38.65 8.99 8.55
C SER C 125 39.04 8.00 7.45
N GLU C 126 39.15 6.70 7.77
CA GLU C 126 39.59 5.72 6.78
C GLU C 126 38.46 4.77 6.37
N VAL C 127 37.21 5.20 6.50
CA VAL C 127 36.08 4.35 6.15
C VAL C 127 35.76 4.43 4.66
N GLU C 128 35.66 5.65 4.13
CA GLU C 128 35.34 5.81 2.72
C GLU C 128 36.41 5.20 1.82
N GLY C 129 37.65 5.17 2.28
CA GLY C 129 38.74 4.56 1.56
C GLY C 129 38.76 3.05 1.57
N THR C 130 37.88 2.43 2.35
CA THR C 130 37.79 0.98 2.40
C THR C 130 37.39 0.42 1.04
N ALA C 131 37.98 -0.71 0.68
CA ALA C 131 37.59 -1.44 -0.52
C ALA C 131 36.28 -2.18 -0.23
N TRP C 132 35.21 -1.78 -0.92
CA TRP C 132 33.88 -2.35 -0.71
C TRP C 132 33.68 -3.60 -1.56
N ASP C 133 34.55 -4.58 -1.32
CA ASP C 133 34.61 -5.75 -2.18
C ASP C 133 33.44 -6.70 -1.92
N GLU C 134 33.14 -6.97 -0.65
CA GLU C 134 32.17 -7.99 -0.29
C GLU C 134 30.87 -7.38 0.21
N ILE C 135 29.75 -8.04 -0.13
CA ILE C 135 28.42 -7.57 0.23
C ILE C 135 28.22 -7.46 1.73
N GLU C 136 29.02 -8.19 2.51
CA GLU C 136 28.90 -8.05 3.97
C GLU C 136 29.48 -6.72 4.44
N THR C 137 30.56 -6.26 3.79
CA THR C 137 31.12 -4.96 4.16
C THR C 137 30.14 -3.84 3.80
N PHE C 138 29.44 -3.96 2.68
CA PHE C 138 28.44 -2.96 2.32
C PHE C 138 27.23 -3.05 3.23
N LEU C 139 26.66 -4.25 3.37
CA LEU C 139 25.44 -4.41 4.14
C LEU C 139 25.64 -4.00 5.59
N ASP C 140 26.81 -4.27 6.15
CA ASP C 140 27.11 -3.78 7.49
C ASP C 140 27.20 -2.27 7.50
N MET C 141 27.81 -1.69 6.48
CA MET C 141 27.89 -0.24 6.39
C MET C 141 26.54 0.36 6.07
N CYS C 142 25.82 -0.20 5.08
CA CYS C 142 24.51 0.32 4.73
C CYS C 142 23.55 0.29 5.91
N TYR C 143 23.48 -0.84 6.63
CA TYR C 143 22.57 -0.94 7.75
C TYR C 143 22.99 -0.02 8.90
N SER C 144 24.29 0.24 9.05
CA SER C 144 24.76 1.04 10.18
C SER C 144 24.41 2.51 10.01
N VAL C 145 24.54 3.05 8.80
CA VAL C 145 24.24 4.47 8.63
C VAL C 145 22.74 4.68 8.47
N LEU C 146 22.05 3.74 7.81
CA LEU C 146 20.60 3.83 7.73
C LEU C 146 19.96 3.77 9.11
N MET C 147 20.52 2.94 10.01
CA MET C 147 20.00 2.90 11.37
C MET C 147 20.18 4.24 12.06
N GLN C 148 21.32 4.91 11.82
CA GLN C 148 21.55 6.21 12.42
C GLN C 148 20.57 7.25 11.89
N ALA C 149 20.09 7.07 10.67
CA ALA C 149 19.07 7.97 10.15
C ALA C 149 17.68 7.65 10.71
N TRP C 150 17.43 6.39 11.06
CA TRP C 150 16.13 6.03 11.64
C TRP C 150 15.96 6.58 13.05
N ILE C 151 17.04 6.67 13.82
CA ILE C 151 16.93 7.17 15.21
C ILE C 151 16.63 8.66 15.22
N VAL C 152 17.17 9.41 14.26
CA VAL C 152 16.92 10.85 14.22
C VAL C 152 15.62 11.20 13.54
N THR C 153 14.96 10.24 12.88
CA THR C 153 13.63 10.48 12.33
C THR C 153 12.61 10.71 13.43
N CYS C 154 12.88 10.17 14.62
CA CYS C 154 11.93 10.11 15.71
C CYS C 154 11.66 11.50 16.29
N LYS C 155 10.49 11.63 16.91
CA LYS C 155 10.01 12.91 17.46
C LYS C 155 9.85 12.82 18.98
N GLU C 168 17.45 9.70 23.59
CA GLU C 168 18.67 10.50 23.53
C GLU C 168 19.79 9.75 22.80
N LYS C 169 20.54 8.93 23.53
CA LYS C 169 21.63 8.14 22.97
C LYS C 169 21.19 6.68 22.91
N ARG C 170 20.40 6.37 21.89
CA ARG C 170 20.10 5.00 21.54
C ARG C 170 21.17 4.40 20.64
N LEU C 171 22.18 5.19 20.26
CA LEU C 171 23.33 4.66 19.55
C LEU C 171 24.14 3.74 20.45
N GLN C 172 24.35 4.15 21.70
CA GLN C 172 25.09 3.32 22.63
C GLN C 172 24.34 2.01 22.88
N LYS C 173 23.00 2.06 22.92
CA LYS C 173 22.22 0.84 22.99
C LYS C 173 22.42 -0.03 21.76
N TYR C 174 22.12 0.52 20.58
CA TYR C 174 22.17 -0.28 19.35
C TYR C 174 23.59 -0.75 19.05
N ARG C 175 24.61 -0.04 19.54
CA ARG C 175 25.96 -0.53 19.37
C ARG C 175 26.22 -1.74 20.25
N GLN C 176 25.75 -1.69 21.50
CA GLN C 176 26.01 -2.77 22.44
C GLN C 176 25.29 -4.06 22.04
N GLN C 177 24.09 -3.95 21.48
CA GLN C 177 23.20 -5.09 21.26
C GLN C 177 23.28 -5.50 19.79
N GLY C 178 22.16 -5.73 19.10
CA GLY C 178 22.20 -6.00 17.66
C GLY C 178 22.85 -4.85 16.90
N ARG C 179 23.70 -5.20 15.93
CA ARG C 179 24.77 -4.33 15.49
C ARG C 179 24.29 -3.09 14.73
N ILE C 180 24.85 -1.95 15.14
CA ILE C 180 25.35 -0.90 14.25
C ILE C 180 26.85 -0.80 14.54
N ASN C 181 27.67 -0.97 13.51
CA ASN C 181 29.13 -1.09 13.67
C ASN C 181 29.74 0.27 14.04
N PRO C 182 30.38 0.39 15.22
CA PRO C 182 31.07 1.67 15.56
C PRO C 182 32.01 2.16 14.48
N ARG C 183 32.52 1.28 13.60
CA ARG C 183 33.40 1.73 12.53
C ARG C 183 32.70 2.71 11.61
N TYR C 184 31.39 2.55 11.41
CA TYR C 184 30.64 3.41 10.51
C TYR C 184 29.76 4.41 11.24
N LEU C 185 30.16 4.80 12.45
CA LEU C 185 29.50 5.90 13.15
C LEU C 185 29.67 7.20 12.38
N LEU C 186 28.57 7.94 12.24
CA LEU C 186 28.61 9.28 11.67
C LEU C 186 29.00 10.30 12.74
N GLN C 187 29.63 11.37 12.29
CA GLN C 187 29.91 12.46 13.22
C GLN C 187 28.61 13.19 13.55
N PRO C 188 28.51 13.74 14.77
CA PRO C 188 27.24 14.37 15.20
C PRO C 188 26.70 15.41 14.24
N GLU C 189 27.57 16.19 13.57
CA GLU C 189 27.07 17.19 12.63
C GLU C 189 26.40 16.55 11.42
N ALA C 190 26.87 15.38 10.99
CA ALA C 190 26.21 14.68 9.89
C ALA C 190 24.83 14.15 10.31
N ARG C 191 24.69 13.70 11.56
CA ARG C 191 23.41 13.20 12.04
C ARG C 191 22.36 14.29 12.11
N ARG C 192 22.73 15.47 12.63
CA ARG C 192 21.78 16.57 12.76
C ARG C 192 21.31 17.07 11.42
N ILE C 193 22.18 17.08 10.40
CA ILE C 193 21.77 17.51 9.08
C ILE C 193 20.77 16.52 8.48
N ILE C 194 21.03 15.22 8.66
CA ILE C 194 20.07 14.21 8.21
C ILE C 194 18.76 14.37 8.96
N GLN C 195 18.83 14.67 10.25
CA GLN C 195 17.61 14.85 11.04
C GLN C 195 16.76 15.99 10.51
N ASN C 196 17.38 17.11 10.13
CA ASN C 196 16.59 18.25 9.65
C ASN C 196 16.08 18.04 8.23
N VAL C 197 16.82 17.30 7.40
CA VAL C 197 16.33 16.97 6.06
C VAL C 197 15.09 16.10 6.16
N ILE C 198 15.11 15.10 7.06
CA ILE C 198 13.95 14.24 7.24
C ILE C 198 12.76 15.03 7.77
N ARG C 199 13.02 16.01 8.63
CA ARG C 199 11.93 16.82 9.18
C ARG C 199 11.31 17.69 8.09
N LYS C 200 12.14 18.32 7.26
CA LYS C 200 11.62 19.17 6.19
C LYS C 200 11.00 18.35 5.08
N GLY C 201 11.44 17.10 4.90
CA GLY C 201 10.97 16.30 3.79
C GLY C 201 9.71 15.50 4.08
N MET C 202 8.56 16.05 3.74
CA MET C 202 7.33 15.29 3.84
C MET C 202 7.36 14.07 2.91
N VAL C 203 7.95 14.23 1.73
CA VAL C 203 8.02 13.11 0.80
C VAL C 203 8.87 11.99 1.36
N VAL C 204 9.94 12.33 2.06
CA VAL C 204 10.80 11.32 2.65
C VAL C 204 10.04 10.52 3.73
N ARG C 205 9.37 11.24 4.63
CA ARG C 205 8.63 10.58 5.71
C ARG C 205 7.43 9.79 5.19
N HIS C 206 6.91 10.15 4.02
CA HIS C 206 5.83 9.37 3.41
C HIS C 206 6.31 7.98 3.01
N PHE C 207 7.54 7.86 2.50
CA PHE C 207 8.06 6.55 2.12
C PHE C 207 8.55 5.77 3.33
N LEU C 208 9.03 6.47 4.37
CA LEU C 208 9.44 5.79 5.60
C LEU C 208 8.28 5.00 6.22
N THR C 209 7.04 5.50 6.11
CA THR C 209 5.90 4.76 6.66
C THR C 209 5.72 3.41 6.00
N PHE C 210 5.95 3.33 4.68
CA PHE C 210 5.87 2.04 4.00
C PHE C 210 6.92 1.06 4.52
N GLU C 211 8.09 1.57 4.92
CA GLU C 211 9.08 0.69 5.52
C GLU C 211 8.66 0.26 6.92
N LEU C 212 8.12 1.20 7.70
CA LEU C 212 7.63 0.83 9.02
C LEU C 212 6.47 -0.17 8.92
N GLN C 213 5.56 0.03 7.97
CA GLN C 213 4.48 -0.93 7.77
C GLN C 213 5.03 -2.31 7.40
N LEU C 214 6.06 -2.34 6.56
CA LEU C 214 6.63 -3.61 6.15
C LEU C 214 7.37 -4.30 7.30
N ALA C 215 8.03 -3.52 8.17
CA ALA C 215 8.70 -4.15 9.30
C ALA C 215 7.71 -4.74 10.28
N ARG C 216 6.50 -4.17 10.36
CA ARG C 216 5.48 -4.65 11.29
C ARG C 216 4.86 -5.96 10.82
N ALA C 217 4.40 -6.02 9.57
CA ALA C 217 3.92 -7.27 8.98
C ALA C 217 5.11 -8.01 8.41
N GLN C 218 5.58 -9.03 9.12
CA GLN C 218 6.89 -9.62 8.87
C GLN C 218 6.76 -10.96 8.16
N SER C 219 7.09 -10.97 6.87
CA SER C 219 7.68 -12.14 6.24
C SER C 219 9.20 -12.06 6.29
N LEU C 220 9.72 -11.06 7.01
CA LEU C 220 11.14 -10.76 7.16
C LEU C 220 11.55 -10.83 8.63
N VAL C 221 11.09 -11.87 9.32
CA VAL C 221 11.45 -12.04 10.72
C VAL C 221 12.96 -12.29 10.86
N SER C 222 13.55 -12.95 9.87
CA SER C 222 14.98 -13.27 9.88
C SER C 222 15.83 -12.14 9.30
N ASN C 223 15.23 -11.18 8.60
CA ASN C 223 15.97 -10.07 8.00
C ASN C 223 16.47 -9.15 9.10
N ARG C 224 17.78 -8.95 9.17
CA ARG C 224 18.34 -8.15 10.26
C ARG C 224 17.96 -6.68 10.15
N TYR C 225 17.76 -6.18 8.93
CA TYR C 225 17.47 -4.77 8.75
C TYR C 225 16.05 -4.43 9.18
N TYR C 226 15.06 -5.15 8.65
CA TYR C 226 13.69 -4.88 9.04
C TYR C 226 13.42 -5.22 10.50
N ALA C 227 14.18 -6.13 11.10
CA ALA C 227 14.05 -6.34 12.55
C ALA C 227 14.43 -5.09 13.32
N MET C 228 15.51 -4.42 12.90
CA MET C 228 15.91 -3.19 13.57
C MET C 228 14.95 -2.05 13.23
N VAL C 229 14.37 -2.05 12.03
CA VAL C 229 13.39 -1.02 11.67
C VAL C 229 12.13 -1.18 12.51
N GLY C 230 11.70 -2.42 12.74
CA GLY C 230 10.50 -2.65 13.54
C GLY C 230 10.67 -2.24 14.98
N ASP C 231 11.88 -2.39 15.53
CA ASP C 231 12.12 -1.95 16.90
C ASP C 231 12.14 -0.43 16.97
N VAL C 232 12.82 0.22 16.04
CA VAL C 232 12.74 1.68 15.94
C VAL C 232 11.30 2.11 15.71
N GLY C 233 10.56 1.36 14.88
CA GLY C 233 9.17 1.71 14.62
C GLY C 233 8.29 1.64 15.84
N LYS C 234 8.68 0.86 16.85
CA LYS C 234 7.90 0.84 18.08
C LYS C 234 7.90 2.21 18.76
N TYR C 235 9.01 2.93 18.66
CA TYR C 235 9.07 4.27 19.23
C TYR C 235 8.37 5.28 18.33
N ILE C 236 8.47 5.11 17.01
CA ILE C 236 7.87 6.07 16.09
C ILE C 236 6.35 5.91 16.05
N GLU C 237 5.88 4.68 15.91
CA GLU C 237 4.45 4.43 15.78
C GLU C 237 3.72 4.84 17.05
N ASN C 238 2.57 5.50 16.86
CA ASN C 238 1.73 5.97 17.95
C ASN C 238 2.49 6.90 18.89
N CYS C 239 3.46 7.65 18.37
CA CYS C 239 4.11 8.70 19.13
C CYS C 239 3.13 9.84 19.38
N GLY C 240 3.12 10.35 20.61
CA GLY C 240 2.12 11.32 21.03
C GLY C 240 0.76 10.76 21.35
N MET C 241 0.62 9.43 21.37
CA MET C 241 -0.65 8.79 21.68
C MET C 241 -0.64 8.13 23.05
N GLY C 242 0.41 8.31 23.83
CA GLY C 242 0.51 7.63 25.12
C GLY C 242 -0.63 7.99 26.05
N GLY C 243 -0.88 9.29 26.25
CA GLY C 243 -1.98 9.71 27.11
C GLY C 243 -3.32 9.13 26.67
N PHE C 244 -3.53 9.02 25.36
CA PHE C 244 -4.77 8.46 24.86
C PHE C 244 -4.90 6.98 25.19
N PHE C 245 -3.83 6.20 24.95
CA PHE C 245 -3.92 4.75 25.17
C PHE C 245 -3.90 4.40 26.65
N LEU C 246 -3.13 5.11 27.46
CA LEU C 246 -3.18 4.91 28.91
C LEU C 246 -4.56 5.21 29.47
N THR C 247 -5.21 6.28 28.99
CA THR C 247 -6.56 6.58 29.44
C THR C 247 -7.53 5.46 29.06
N LEU C 248 -7.43 4.95 27.83
CA LEU C 248 -8.27 3.82 27.43
C LEU C 248 -7.98 2.58 28.27
N LYS C 249 -6.72 2.42 28.68
CA LYS C 249 -6.34 1.21 29.41
C LYS C 249 -6.89 1.25 30.83
N TYR C 250 -6.68 2.36 31.55
CA TYR C 250 -6.99 2.46 32.97
C TYR C 250 -8.39 2.98 33.24
N ALA C 251 -8.71 4.17 32.76
CA ALA C 251 -10.02 4.75 33.06
C ALA C 251 -11.15 3.92 32.46
N LEU C 252 -10.86 3.01 31.57
CA LEU C 252 -11.92 2.51 30.72
C LEU C 252 -11.74 1.06 30.31
N GLY C 253 -10.56 0.48 30.58
CA GLY C 253 -10.35 -0.93 30.31
C GLY C 253 -11.25 -1.86 31.10
N THR C 254 -11.82 -1.37 32.20
CA THR C 254 -12.79 -2.08 33.01
C THR C 254 -13.97 -1.16 33.28
N ARG C 255 -15.11 -1.76 33.64
CA ARG C 255 -16.32 -1.00 33.92
C ARG C 255 -16.32 -0.55 35.39
N TRP C 256 -15.47 0.43 35.69
CA TRP C 256 -15.52 1.08 36.99
C TRP C 256 -16.90 1.71 37.18
N PRO C 257 -17.51 1.58 38.36
CA PRO C 257 -18.81 2.23 38.58
C PRO C 257 -18.72 3.75 38.65
N THR C 258 -17.57 4.31 38.99
CA THR C 258 -17.37 5.76 38.96
C THR C 258 -17.40 6.34 37.54
N LEU C 259 -17.42 5.50 36.50
CA LEU C 259 -17.56 6.02 35.14
C LEU C 259 -18.91 6.67 34.91
N ALA C 260 -19.91 6.34 35.73
CA ALA C 260 -21.25 6.90 35.55
C ALA C 260 -21.40 8.28 36.17
N LEU C 261 -20.34 8.84 36.77
CA LEU C 261 -20.39 10.24 37.18
C LEU C 261 -20.75 11.12 36.00
N ALA C 262 -21.60 12.13 36.25
CA ALA C 262 -22.02 13.03 35.19
C ALA C 262 -20.86 13.89 34.67
N ALA C 263 -19.86 14.17 35.52
CA ALA C 263 -18.70 14.94 35.06
C ALA C 263 -17.88 14.20 34.00
N PHE C 264 -18.08 12.89 33.82
CA PHE C 264 -17.40 12.14 32.77
C PHE C 264 -18.26 11.98 31.53
N SER C 265 -19.54 12.35 31.61
CA SER C 265 -20.46 12.07 30.52
C SER C 265 -19.99 12.73 29.22
N GLY C 266 -19.40 13.91 29.32
CA GLY C 266 -18.99 14.61 28.11
C GLY C 266 -17.73 14.00 27.51
N GLU C 267 -16.72 13.76 28.36
CA GLU C 267 -15.46 13.22 27.89
C GLU C 267 -15.58 11.76 27.45
N LEU C 268 -16.58 11.02 27.94
CA LEU C 268 -16.76 9.64 27.49
C LEU C 268 -17.16 9.60 26.03
N THR C 269 -18.13 10.44 25.64
CA THR C 269 -18.49 10.55 24.24
C THR C 269 -17.34 11.14 23.42
N LYS C 270 -16.53 12.01 24.01
CA LYS C 270 -15.38 12.53 23.29
C LYS C 270 -14.43 11.41 22.92
N LEU C 271 -14.09 10.55 23.89
CA LEU C 271 -13.20 9.43 23.57
C LEU C 271 -13.86 8.43 22.62
N LYS C 272 -15.20 8.34 22.65
CA LYS C 272 -15.86 7.49 21.65
C LYS C 272 -15.60 8.02 20.24
N SER C 273 -15.69 9.34 20.04
CA SER C 273 -15.36 9.87 18.72
C SER C 273 -13.88 9.71 18.43
N LEU C 274 -13.03 9.91 19.44
CA LEU C 274 -11.59 9.75 19.25
C LEU C 274 -11.22 8.33 18.87
N MET C 275 -11.85 7.33 19.50
CA MET C 275 -11.59 5.94 19.13
C MET C 275 -12.19 5.59 17.77
N ALA C 276 -13.36 6.14 17.44
CA ALA C 276 -13.90 5.96 16.10
C ALA C 276 -13.02 6.65 15.06
N LEU C 277 -12.38 7.75 15.44
CA LEU C 277 -11.45 8.42 14.53
C LEU C 277 -10.24 7.53 14.25
N TYR C 278 -9.71 6.87 15.29
CA TYR C 278 -8.56 5.98 15.11
C TYR C 278 -8.89 4.84 14.15
N GLN C 279 -10.10 4.30 14.22
CA GLN C 279 -10.50 3.24 13.31
C GLN C 279 -10.68 3.76 11.89
N THR C 280 -11.21 4.98 11.75
CA THR C 280 -11.50 5.51 10.43
C THR C 280 -10.23 5.74 9.62
N LEU C 281 -9.18 6.25 10.26
CA LEU C 281 -7.95 6.58 9.54
C LEU C 281 -7.16 5.35 9.13
N GLY C 282 -7.46 4.18 9.71
CA GLY C 282 -6.77 2.97 9.33
C GLY C 282 -5.31 2.99 9.70
N GLU C 283 -4.43 2.83 8.71
CA GLU C 283 -3.00 2.73 8.99
C GLU C 283 -2.32 4.08 9.08
N GLN C 284 -2.94 5.14 8.59
CA GLN C 284 -2.46 6.48 8.90
C GLN C 284 -2.48 6.74 10.39
N ALA C 285 -3.31 6.03 11.15
CA ALA C 285 -3.44 6.25 12.59
C ALA C 285 -2.14 5.95 13.32
N ARG C 286 -1.33 5.05 12.79
CA ARG C 286 -0.08 4.69 13.44
C ARG C 286 1.01 5.75 13.27
N TYR C 287 0.89 6.63 12.28
CA TYR C 287 1.97 7.55 11.92
C TYR C 287 1.48 8.99 11.90
N LEU C 288 0.65 9.38 12.88
CA LEU C 288 0.13 10.74 12.89
C LEU C 288 1.23 11.75 13.20
N ALA C 289 2.14 11.41 14.12
CA ALA C 289 3.24 12.31 14.44
C ALA C 289 4.26 12.35 13.31
N LEU C 290 4.52 11.20 12.67
CA LEU C 290 5.52 11.16 11.61
C LEU C 290 5.05 11.93 10.37
N LEU C 291 3.78 11.77 9.98
CA LEU C 291 3.23 12.51 8.85
C LEU C 291 2.79 13.92 9.21
N GLU C 292 2.93 14.32 10.48
CA GLU C 292 2.52 15.64 10.96
C GLU C 292 1.05 15.94 10.62
N SER C 293 0.18 14.96 10.95
CA SER C 293 -1.24 15.09 10.71
C SER C 293 -1.87 16.05 11.71
N PRO C 294 -2.81 16.89 11.31
CA PRO C 294 -3.50 17.76 12.28
C PRO C 294 -4.29 16.96 13.32
N HIS C 295 -4.74 15.75 12.96
CA HIS C 295 -5.48 14.87 13.87
C HIS C 295 -4.65 14.44 15.08
N LEU C 296 -3.33 14.58 15.02
CA LEU C 296 -2.49 14.14 16.14
C LEU C 296 -2.91 14.83 17.44
N MET C 297 -3.07 16.15 17.40
CA MET C 297 -3.39 16.88 18.62
C MET C 297 -4.79 16.56 19.14
N ASP C 298 -5.68 16.08 18.27
CA ASP C 298 -7.01 15.68 18.72
C ASP C 298 -6.95 14.59 19.78
N PHE C 299 -5.89 13.80 19.84
CA PHE C 299 -5.72 12.74 20.83
C PHE C 299 -4.99 13.22 22.09
N ALA C 300 -4.68 14.51 22.18
CA ALA C 300 -3.99 15.01 23.35
C ALA C 300 -4.90 14.98 24.56
N ALA C 301 -4.30 14.70 25.73
CA ALA C 301 -5.06 14.54 26.96
C ALA C 301 -5.81 15.81 27.37
N ALA C 302 -5.38 16.98 26.86
CA ALA C 302 -6.07 18.21 27.24
C ALA C 302 -7.51 18.24 26.76
N ASN C 303 -7.90 17.34 25.85
CA ASN C 303 -9.27 17.22 25.38
C ASN C 303 -10.13 16.33 26.26
N TYR C 304 -9.54 15.69 27.26
CA TYR C 304 -10.29 14.89 28.21
C TYR C 304 -9.54 14.89 29.54
N PRO C 305 -9.34 16.07 30.17
CA PRO C 305 -8.45 16.11 31.34
C PRO C 305 -9.01 15.40 32.56
N LEU C 306 -10.33 15.29 32.68
CA LEU C 306 -10.89 14.61 33.85
C LEU C 306 -10.59 13.11 33.80
N LEU C 307 -10.86 12.47 32.66
CA LEU C 307 -10.61 11.04 32.54
C LEU C 307 -9.12 10.73 32.52
N TYR C 308 -8.33 11.57 31.85
CA TYR C 308 -6.88 11.42 31.92
C TYR C 308 -6.42 11.50 33.38
N SER C 309 -7.01 12.40 34.16
CA SER C 309 -6.69 12.47 35.59
C SER C 309 -7.17 11.23 36.32
N TYR C 310 -8.36 10.73 35.96
CA TYR C 310 -8.92 9.53 36.56
C TYR C 310 -8.11 8.29 36.19
N ALA C 311 -7.56 8.25 34.97
CA ALA C 311 -6.78 7.10 34.53
C ALA C 311 -5.38 7.08 35.13
N MET C 312 -4.77 8.26 35.30
CA MET C 312 -3.45 8.30 35.90
C MET C 312 -3.50 7.82 37.35
N GLY C 313 -4.57 8.17 38.06
CA GLY C 313 -4.70 7.70 39.44
C GLY C 313 -4.87 6.21 39.52
N ILE C 314 -5.65 5.62 38.61
CA ILE C 314 -5.81 4.18 38.56
C ILE C 314 -4.48 3.51 38.27
N GLY C 315 -3.76 3.97 37.24
CA GLY C 315 -2.48 3.38 36.90
C GLY C 315 -1.38 3.70 37.89
N TYR C 316 -1.58 4.71 38.74
CA TYR C 316 -0.58 4.99 39.78
C TYR C 316 -0.56 3.88 40.82
N VAL C 317 -1.72 3.31 41.15
CA VAL C 317 -1.80 2.26 42.16
C VAL C 317 -1.80 0.86 41.55
N LEU C 318 -2.13 0.72 40.27
CA LEU C 318 -2.21 -0.61 39.68
C LEU C 318 -0.89 -1.06 39.06
N ASP C 319 -0.19 -0.16 38.36
CA ASP C 319 1.00 -0.52 37.61
C ASP C 319 2.25 -0.03 38.33
N VAL C 320 3.30 -0.86 38.28
CA VAL C 320 4.59 -0.53 38.90
C VAL C 320 5.37 0.49 38.08
N ASN C 321 5.10 0.59 36.78
CA ASN C 321 5.95 1.38 35.90
C ASN C 321 5.54 2.85 35.80
N MET C 322 4.34 3.21 36.23
CA MET C 322 3.86 4.58 36.09
C MET C 322 4.39 5.52 37.16
N ARG C 323 5.50 5.20 37.81
CA ARG C 323 6.19 6.21 38.59
C ARG C 323 6.84 7.25 37.67
N ASN C 324 7.26 6.84 36.47
CA ASN C 324 8.09 7.70 35.64
C ASN C 324 7.28 8.66 34.77
N TYR C 325 5.97 8.47 34.62
CA TYR C 325 5.23 9.22 33.62
C TYR C 325 4.53 10.47 34.16
N ALA C 326 3.85 10.37 35.31
CA ALA C 326 3.09 11.49 35.84
C ALA C 326 4.01 12.64 36.26
N PHE C 327 4.26 13.59 35.36
CA PHE C 327 5.22 14.68 35.59
C PHE C 327 4.60 16.03 35.20
N SER C 328 3.86 16.61 36.14
CA SER C 328 3.44 18.01 36.08
C SER C 328 2.74 18.38 34.78
N ARG C 329 1.49 17.96 34.61
CA ARG C 329 0.67 18.38 33.48
C ARG C 329 -0.17 19.58 33.91
N SER C 330 -0.34 20.54 32.99
CA SER C 330 -1.06 21.77 33.33
C SER C 330 -2.52 21.50 33.61
N TYR C 331 -3.17 20.69 32.76
CA TYR C 331 -4.58 20.35 32.93
C TYR C 331 -4.79 19.20 33.91
N MET C 332 -3.74 18.67 34.51
CA MET C 332 -3.85 17.63 35.53
C MET C 332 -4.73 18.12 36.68
N ASN C 333 -5.78 17.35 36.99
CA ASN C 333 -6.81 17.85 37.90
C ASN C 333 -6.44 17.64 39.37
N LYS C 334 -5.75 16.55 39.69
CA LYS C 334 -5.25 16.26 41.03
C LYS C 334 -6.34 15.95 42.05
N THR C 335 -7.60 16.26 41.72
CA THR C 335 -8.73 15.80 42.50
C THR C 335 -9.34 14.53 41.90
N TYR C 336 -9.57 14.51 40.58
CA TYR C 336 -9.97 13.28 39.91
C TYR C 336 -8.83 12.27 39.85
N PHE C 337 -7.60 12.71 40.09
CA PHE C 337 -6.51 11.77 40.32
C PHE C 337 -6.76 10.97 41.60
N GLN C 338 -7.17 11.64 42.67
CA GLN C 338 -7.45 10.94 43.92
C GLN C 338 -8.68 10.06 43.79
N LEU C 339 -9.67 10.48 43.00
CA LEU C 339 -10.81 9.60 42.75
C LEU C 339 -10.38 8.35 41.98
N GLY C 340 -9.41 8.48 41.08
CA GLY C 340 -8.98 7.33 40.30
C GLY C 340 -8.25 6.30 41.14
N MET C 341 -7.32 6.75 41.99
CA MET C 341 -6.59 5.82 42.84
C MET C 341 -7.51 5.13 43.84
N GLU C 342 -8.49 5.86 44.38
CA GLU C 342 -9.41 5.25 45.35
C GLU C 342 -10.33 4.24 44.67
N THR C 343 -10.64 4.44 43.39
CA THR C 343 -11.48 3.48 42.67
C THR C 343 -10.74 2.17 42.44
N ALA C 344 -9.48 2.23 42.06
CA ALA C 344 -8.66 1.05 41.87
C ALA C 344 -7.96 0.61 43.15
N ARG C 345 -8.16 1.33 44.25
CA ARG C 345 -7.51 1.00 45.52
C ARG C 345 -7.84 -0.43 45.95
N LYS C 346 -9.12 -0.70 46.17
CA LYS C 346 -9.59 -2.06 46.46
C LYS C 346 -10.42 -2.55 45.28
N GLN C 347 -10.27 -3.83 44.96
CA GLN C 347 -11.02 -4.45 43.87
C GLN C 347 -12.03 -5.45 44.41
N LEU D 5 6.45 0.48 27.46
CA LEU D 5 6.48 1.91 27.15
C LEU D 5 5.52 2.19 26.00
N SER D 6 5.87 1.71 24.82
CA SER D 6 4.99 1.82 23.67
C SER D 6 3.99 0.66 23.68
N PHE D 7 2.93 0.83 22.89
CA PHE D 7 1.87 -0.16 22.78
C PHE D 7 2.00 -0.87 21.43
N SER D 8 2.03 -2.20 21.48
CA SER D 8 1.98 -3.00 20.27
C SER D 8 0.64 -2.78 19.59
N PRO D 9 0.46 -3.28 18.37
CA PRO D 9 -0.90 -3.50 17.85
C PRO D 9 -1.65 -4.50 18.73
N ASP D 10 -2.57 -5.26 18.16
CA ASP D 10 -3.56 -5.97 18.96
C ASP D 10 -4.22 -4.98 19.91
N GLU D 11 -4.62 -3.83 19.36
CA GLU D 11 -5.24 -2.80 20.18
C GLU D 11 -6.60 -3.28 20.66
N ILE D 12 -6.54 -4.27 21.54
CA ILE D 12 -7.66 -4.79 22.32
C ILE D 12 -8.19 -3.64 23.18
N ASN D 13 -7.38 -2.60 23.31
CA ASN D 13 -7.83 -1.29 23.79
C ASN D 13 -8.94 -0.75 22.88
N LYS D 14 -9.86 -1.61 22.45
CA LYS D 14 -11.18 -1.21 21.96
C LYS D 14 -12.22 -2.16 22.53
N LEU D 15 -11.94 -2.71 23.72
CA LEU D 15 -12.96 -3.20 24.62
C LEU D 15 -13.78 -2.08 25.21
N ILE D 16 -13.41 -0.84 24.93
CA ILE D 16 -13.88 0.28 25.73
C ILE D 16 -15.14 0.93 25.17
N GLU D 17 -15.37 0.78 23.88
CA GLU D 17 -16.64 1.23 23.36
C GLU D 17 -17.79 0.38 23.91
N THR D 18 -17.52 -0.89 24.28
CA THR D 18 -18.47 -1.61 25.12
C THR D 18 -18.35 -1.17 26.56
N GLY D 19 -17.13 -0.82 26.99
CA GLY D 19 -16.95 -0.08 28.22
C GLY D 19 -17.74 1.21 28.29
N LEU D 20 -18.24 1.67 27.16
CA LEU D 20 -19.18 2.78 27.07
C LEU D 20 -20.63 2.33 27.06
N ASN D 21 -20.97 1.29 27.82
CA ASN D 21 -22.37 0.92 28.01
C ASN D 21 -23.08 1.92 28.92
N THR D 22 -22.32 2.66 29.73
CA THR D 22 -22.88 3.69 30.60
C THR D 22 -23.42 4.89 29.83
N VAL D 23 -23.28 4.92 28.51
CA VAL D 23 -23.79 6.02 27.70
C VAL D 23 -25.30 5.89 27.52
#